data_8J59
#
_entry.id   8J59
#
_cell.length_a   47.473
_cell.length_b   171.422
_cell.length_c   50.478
_cell.angle_alpha   90.000
_cell.angle_beta   117.600
_cell.angle_gamma   90.000
#
_symmetry.space_group_name_H-M   'P 1 21 1'
#
loop_
_entity.id
_entity.type
_entity.pdbx_description
1 polymer 'NADPH dehydrogenase afvA'
2 non-polymer 'FLAVIN MONONUCLEOTIDE'
3 non-polymer 'CHLORIDE ION'
4 non-polymer 'NITRATE ION'
5 non-polymer 1,2-ETHANEDIOL
6 non-polymer 2-AMINO-2-HYDROXYMETHYL-PROPANE-1,3-DIOL
7 water water
#
_entity_poly.entity_id   1
_entity_poly.type   'polypeptide(L)'
_entity_poly.pdbx_seq_one_letter_code
;GISYYTPAQVPPAGTQVEGSTKLFSPLTIRGVTFPNRLFLAPLCQYSAKDGYANDWHLTHIGGIVQRGPGLAIMEATAVQ
KVGRITPQDLGLYDDGHIEPLKRITEFAHSQSQKIGIQLAHAGRKASAVAPWLSGNAMAVKEVGGWPDDIVAPSAIPQEE
GINAVPKVLTGEDIGVLKKDWAEAAKRAVRANFDAIEIHAAHGYLLHQFLSPVSNRRTDKYGGSFENRVRILLEICEEVR
AVIPTAMPLLVRISATDWFEFDDNLTKEFPESWTVAQSIRLALLLADRGVDLVDVSSGGIHAKSAIAIRSGPGYQVHFAQ
EIKKAVGEKLLISAVGGIKTGALAEEVVQSGIDAVQAGRWFQQNPGLVRAFANELGVKVRMATQIDWSFE
;
_entity_poly.pdbx_strand_id   A,B
#
loop_
_chem_comp.id
_chem_comp.type
_chem_comp.name
_chem_comp.formula
CL non-polymer 'CHLORIDE ION' 'Cl -1'
EDO non-polymer 1,2-ETHANEDIOL 'C2 H6 O2'
FMN non-polymer 'FLAVIN MONONUCLEOTIDE' 'C17 H21 N4 O9 P'
NO3 non-polymer 'NITRATE ION' 'N O3 -1'
TRS non-polymer 2-AMINO-2-HYDROXYMETHYL-PROPANE-1,3-DIOL 'C4 H12 N O3 1'
#
# COMPACT_ATOMS: atom_id res chain seq x y z
N SER A 3 34.73 -8.01 2.44
CA SER A 3 33.42 -7.63 2.93
C SER A 3 32.77 -8.74 3.76
N TYR A 4 32.49 -8.44 5.02
CA TYR A 4 31.83 -9.38 5.92
C TYR A 4 30.35 -9.06 6.02
N TYR A 5 29.57 -10.08 6.39
CA TYR A 5 28.13 -9.99 6.61
C TYR A 5 27.39 -9.43 5.40
N THR A 6 27.77 -9.90 4.22
CA THR A 6 27.05 -9.55 3.00
C THR A 6 25.71 -10.27 2.94
N GLN A 9 22.01 -12.01 -1.77
CA GLN A 9 21.32 -11.31 -2.85
C GLN A 9 19.95 -11.91 -3.10
N VAL A 10 18.97 -11.04 -3.38
CA VAL A 10 17.64 -11.49 -3.77
C VAL A 10 17.27 -10.79 -5.07
N PRO A 11 16.52 -11.44 -5.95
CA PRO A 11 16.05 -10.77 -7.15
C PRO A 11 14.93 -9.79 -6.81
N PRO A 12 14.58 -8.90 -7.72
CA PRO A 12 13.46 -7.99 -7.45
C PRO A 12 12.16 -8.76 -7.25
N ALA A 13 11.29 -8.19 -6.43
CA ALA A 13 9.91 -8.68 -6.39
C ALA A 13 9.35 -8.72 -7.81
N GLY A 14 8.58 -9.75 -8.09
CA GLY A 14 8.09 -9.98 -9.44
C GLY A 14 8.93 -10.96 -10.25
N THR A 15 10.05 -11.44 -9.70
CA THR A 15 10.87 -12.41 -10.38
C THR A 15 10.29 -13.81 -10.21
N GLN A 16 10.19 -14.55 -11.32
CA GLN A 16 9.78 -15.95 -11.28
C GLN A 16 10.93 -16.78 -10.71
N VAL A 17 10.81 -17.17 -9.45
CA VAL A 17 11.88 -17.95 -8.83
C VAL A 17 11.68 -19.44 -9.01
N GLU A 18 10.45 -19.89 -9.23
CA GLU A 18 10.17 -21.26 -9.63
C GLU A 18 9.05 -21.23 -10.66
N GLY A 19 9.18 -22.00 -11.72
CA GLY A 19 8.19 -22.01 -12.78
C GLY A 19 8.74 -21.48 -14.08
N SER A 20 7.99 -21.73 -15.15
CA SER A 20 8.46 -21.39 -16.49
C SER A 20 7.34 -20.79 -17.33
N THR A 21 6.46 -20.01 -16.71
CA THR A 21 5.47 -19.28 -17.50
C THR A 21 6.14 -18.20 -18.32
N LYS A 22 5.51 -17.85 -19.44
CA LYS A 22 5.94 -16.66 -20.18
C LYS A 22 5.57 -15.38 -19.43
N LEU A 23 4.40 -15.38 -18.79
CA LEU A 23 3.92 -14.17 -18.11
C LEU A 23 4.93 -13.65 -17.12
N PHE A 24 5.58 -14.53 -16.38
CA PHE A 24 6.51 -14.08 -15.36
C PHE A 24 7.95 -14.24 -15.80
N SER A 25 8.18 -14.31 -17.12
CA SER A 25 9.53 -14.25 -17.66
C SER A 25 9.91 -12.80 -17.93
N PRO A 26 11.18 -12.46 -17.84
CA PRO A 26 11.59 -11.06 -18.01
C PRO A 26 11.42 -10.58 -19.44
N LEU A 27 11.36 -9.26 -19.57
CA LEU A 27 11.27 -8.61 -20.87
C LEU A 27 12.21 -7.41 -20.87
N THR A 28 13.11 -7.35 -21.85
CA THR A 28 14.04 -6.22 -21.96
C THR A 28 13.62 -5.31 -23.09
N ILE A 29 13.49 -4.01 -22.80
CA ILE A 29 13.33 -2.98 -23.82
C ILE A 29 14.48 -2.01 -23.66
N ARG A 30 15.30 -1.85 -24.71
CA ARG A 30 16.44 -0.94 -24.67
C ARG A 30 17.23 -1.10 -23.37
N GLY A 31 17.35 -0.06 -22.55
CA GLY A 31 18.15 -0.16 -21.35
C GLY A 31 17.46 -0.63 -20.09
N VAL A 32 16.26 -1.20 -20.18
CA VAL A 32 15.48 -1.55 -19.00
C VAL A 32 15.01 -3.00 -19.13
N THR A 33 15.20 -3.78 -18.07
CA THR A 33 14.62 -5.12 -17.99
C THR A 33 13.52 -5.13 -16.95
N PHE A 34 12.33 -5.52 -17.37
CA PHE A 34 11.21 -5.76 -16.48
C PHE A 34 11.25 -7.22 -16.03
N PRO A 35 11.09 -7.49 -14.74
CA PRO A 35 11.19 -8.88 -14.26
C PRO A 35 10.05 -9.76 -14.71
N ASN A 36 8.93 -9.19 -15.13
CA ASN A 36 7.83 -9.98 -15.67
C ASN A 36 7.04 -9.10 -16.61
N ARG A 37 6.01 -9.71 -17.23
CA ARG A 37 5.21 -9.07 -18.27
C ARG A 37 3.79 -8.76 -17.79
N LEU A 38 3.60 -8.63 -16.48
CA LEU A 38 2.32 -8.19 -15.92
C LEU A 38 2.50 -6.76 -15.43
N PHE A 39 1.96 -5.80 -16.17
CA PHE A 39 2.15 -4.39 -15.84
C PHE A 39 0.92 -3.83 -15.14
N LEU A 40 1.16 -2.86 -14.26
CA LEU A 40 0.08 -2.00 -13.76
C LEU A 40 -0.24 -0.95 -14.83
N ALA A 41 -1.48 -0.99 -15.31
CA ALA A 41 -1.97 -0.04 -16.30
C ALA A 41 -2.19 1.32 -15.64
N PRO A 42 -2.09 2.40 -16.41
CA PRO A 42 -2.35 3.75 -15.85
C PRO A 42 -3.78 3.84 -15.35
N LEU A 43 -3.95 4.39 -14.15
CA LEU A 43 -5.26 4.35 -13.49
C LEU A 43 -5.41 5.62 -12.67
N CYS A 44 -6.11 6.61 -13.21
CA CYS A 44 -6.32 7.88 -12.54
C CYS A 44 -6.88 7.70 -11.13
N GLN A 45 -6.34 8.48 -10.20
CA GLN A 45 -6.75 8.45 -8.80
C GLN A 45 -7.56 9.67 -8.39
N TYR A 46 -7.64 10.72 -9.22
CA TYR A 46 -8.44 11.91 -8.92
C TYR A 46 -8.17 12.42 -7.50
N SER A 47 -6.88 12.52 -7.17
CA SER A 47 -6.46 12.80 -5.80
C SER A 47 -5.43 13.91 -5.71
N ALA A 48 -5.16 14.64 -6.79
CA ALA A 48 -4.14 15.67 -6.80
C ALA A 48 -4.75 17.07 -6.71
N LYS A 49 -3.92 18.02 -6.28
CA LYS A 49 -4.24 19.44 -6.33
C LYS A 49 -3.17 20.14 -7.16
N ASP A 50 -3.60 20.90 -8.16
CA ASP A 50 -2.69 21.68 -9.00
C ASP A 50 -1.64 20.80 -9.66
N GLY A 51 -2.01 19.55 -9.94
CA GLY A 51 -1.13 18.61 -10.62
C GLY A 51 -0.13 17.90 -9.74
N TYR A 52 -0.03 18.24 -8.45
CA TYR A 52 1.03 17.68 -7.62
C TYR A 52 0.68 16.31 -7.09
N ALA A 53 1.63 15.38 -7.20
CA ALA A 53 1.50 14.10 -6.50
C ALA A 53 1.58 14.33 -4.99
N ASN A 54 0.95 13.44 -4.24
CA ASN A 54 0.98 13.56 -2.79
C ASN A 54 1.02 12.16 -2.18
N ASP A 55 0.81 12.07 -0.87
CA ASP A 55 1.02 10.76 -0.26
C ASP A 55 -0.10 9.77 -0.61
N TRP A 56 -1.23 10.22 -1.18
CA TRP A 56 -2.12 9.23 -1.77
C TRP A 56 -1.40 8.49 -2.88
N HIS A 57 -0.82 9.22 -3.83
CA HIS A 57 -0.16 8.55 -4.94
C HIS A 57 1.01 7.70 -4.46
N LEU A 58 1.76 8.21 -3.47
CA LEU A 58 2.90 7.44 -2.97
C LEU A 58 2.46 6.15 -2.30
N THR A 59 1.44 6.19 -1.44
CA THR A 59 1.02 4.97 -0.77
C THR A 59 0.31 4.01 -1.72
N HIS A 60 -0.45 4.54 -2.69
CA HIS A 60 -1.13 3.70 -3.67
C HIS A 60 -0.14 2.97 -4.58
N ILE A 61 0.75 3.75 -5.23
CA ILE A 61 1.73 3.15 -6.11
C ILE A 61 2.72 2.32 -5.33
N GLY A 62 3.19 2.82 -4.18
CA GLY A 62 4.18 2.09 -3.41
C GLY A 62 3.66 0.75 -2.92
N GLY A 63 2.38 0.71 -2.49
CA GLY A 63 1.81 -0.56 -2.04
C GLY A 63 1.72 -1.57 -3.15
N ILE A 64 1.47 -1.12 -4.38
CA ILE A 64 1.47 -2.06 -5.50
C ILE A 64 2.89 -2.47 -5.89
N VAL A 65 3.82 -1.52 -5.93
CA VAL A 65 5.18 -1.81 -6.35
C VAL A 65 5.89 -2.76 -5.39
N GLN A 66 5.54 -2.70 -4.09
CA GLN A 66 6.03 -3.68 -3.12
C GLN A 66 5.76 -5.11 -3.56
N ARG A 67 4.73 -5.31 -4.38
CA ARG A 67 4.22 -6.63 -4.71
C ARG A 67 4.51 -7.01 -6.15
N GLY A 68 5.45 -6.31 -6.78
CA GLY A 68 6.16 -6.78 -7.94
C GLY A 68 5.55 -6.82 -9.33
N PRO A 69 4.76 -5.84 -9.74
CA PRO A 69 4.43 -5.74 -11.17
C PRO A 69 5.71 -5.52 -11.97
N GLY A 70 5.76 -6.08 -13.17
CA GLY A 70 6.97 -5.93 -13.97
C GLY A 70 7.30 -4.48 -14.27
N LEU A 71 6.27 -3.68 -14.53
CA LEU A 71 6.35 -2.25 -14.73
C LEU A 71 5.09 -1.66 -14.11
N ALA A 72 5.24 -0.60 -13.31
CA ALA A 72 4.10 0.13 -12.76
C ALA A 72 3.98 1.43 -13.53
N ILE A 73 2.91 1.56 -14.34
CA ILE A 73 2.68 2.77 -15.12
C ILE A 73 1.71 3.67 -14.36
N MET A 74 2.18 4.86 -14.04
CA MET A 74 1.44 5.80 -13.23
C MET A 74 0.40 6.44 -14.15
N GLU A 75 -0.69 6.90 -13.56
CA GLU A 75 -1.87 7.45 -14.24
C GLU A 75 -1.60 8.57 -15.22
N ALA A 76 -2.61 8.88 -16.06
CA ALA A 76 -2.55 9.99 -17.01
C ALA A 76 -2.08 11.28 -16.33
N THR A 77 -1.00 11.83 -16.84
CA THR A 77 -0.35 12.99 -16.23
C THR A 77 -0.23 14.07 -17.28
N ALA A 78 -0.90 15.19 -17.03
CA ALA A 78 -1.16 16.16 -18.09
C ALA A 78 0.10 16.91 -18.50
N VAL A 79 0.27 17.12 -19.81
CA VAL A 79 1.43 17.87 -20.30
C VAL A 79 1.14 19.36 -20.39
N GLN A 80 -0.12 19.76 -20.27
CA GLN A 80 -0.52 21.15 -20.15
C GLN A 80 -1.55 21.24 -19.03
N LYS A 81 -1.55 22.36 -18.33
CA LYS A 81 -2.54 22.58 -17.28
C LYS A 81 -3.96 22.40 -17.80
N VAL A 82 -4.25 22.92 -18.99
CA VAL A 82 -5.61 22.79 -19.54
C VAL A 82 -5.88 21.41 -20.10
N GLY A 83 -4.90 20.51 -20.10
CA GLY A 83 -5.06 19.16 -20.59
C GLY A 83 -5.33 18.12 -19.54
N ARG A 84 -5.47 18.52 -18.28
CA ARG A 84 -5.93 17.57 -17.27
C ARG A 84 -7.35 17.09 -17.57
N ILE A 85 -7.61 15.80 -17.32
CA ILE A 85 -8.98 15.31 -17.44
C ILE A 85 -9.88 15.97 -16.41
N THR A 86 -9.46 15.92 -15.14
CA THR A 86 -10.17 16.54 -14.04
C THR A 86 -9.25 17.50 -13.31
N PRO A 87 -9.80 18.38 -12.45
CA PRO A 87 -8.92 19.23 -11.63
C PRO A 87 -8.15 18.46 -10.56
N GLN A 88 -8.39 17.16 -10.43
CA GLN A 88 -7.66 16.34 -9.49
C GLN A 88 -6.58 15.48 -10.15
N ASP A 89 -6.27 15.73 -11.43
CA ASP A 89 -5.27 14.93 -12.14
C ASP A 89 -3.84 15.33 -11.78
N LEU A 90 -2.93 14.37 -11.94
CA LEU A 90 -1.51 14.67 -11.92
C LEU A 90 -1.11 15.49 -13.13
N GLY A 91 -0.05 16.29 -12.96
CA GLY A 91 0.53 17.04 -14.04
C GLY A 91 2.04 16.88 -14.11
N LEU A 92 2.57 17.16 -15.29
CA LEU A 92 4.01 17.33 -15.47
C LEU A 92 4.25 18.59 -16.30
N TYR A 93 3.38 19.59 -16.12
CA TYR A 93 3.48 20.86 -16.83
C TYR A 93 4.21 21.93 -16.03
N ASP A 94 4.73 21.58 -14.85
CA ASP A 94 5.43 22.54 -14.01
C ASP A 94 6.63 21.84 -13.40
N ASP A 95 7.76 22.56 -13.31
CA ASP A 95 8.94 21.96 -12.70
C ASP A 95 8.66 21.53 -11.25
N GLY A 96 7.74 22.21 -10.57
CA GLY A 96 7.38 21.82 -9.21
C GLY A 96 6.82 20.42 -9.10
N HIS A 97 6.32 19.88 -10.21
CA HIS A 97 5.77 18.53 -10.22
C HIS A 97 6.84 17.46 -10.10
N ILE A 98 8.10 17.81 -10.37
CA ILE A 98 9.15 16.78 -10.44
C ILE A 98 9.40 16.15 -9.07
N GLU A 99 9.63 16.95 -8.04
CA GLU A 99 10.09 16.39 -6.78
C GLU A 99 9.07 15.44 -6.14
N PRO A 100 7.76 15.72 -6.11
CA PRO A 100 6.84 14.73 -5.51
C PRO A 100 6.83 13.41 -6.27
N LEU A 101 6.92 13.45 -7.59
CA LEU A 101 6.98 12.21 -8.34
C LEU A 101 8.30 11.50 -8.11
N LYS A 102 9.39 12.27 -7.96
CA LYS A 102 10.69 11.69 -7.66
C LYS A 102 10.64 10.87 -6.38
N ARG A 103 9.82 11.29 -5.39
CA ARG A 103 9.74 10.48 -4.17
C ARG A 103 9.19 9.10 -4.50
N ILE A 104 8.21 9.03 -5.41
CA ILE A 104 7.62 7.75 -5.74
C ILE A 104 8.62 6.91 -6.51
N THR A 105 9.35 7.50 -7.45
CA THR A 105 10.27 6.67 -8.20
C THR A 105 11.41 6.24 -7.29
N GLU A 106 11.76 7.09 -6.31
CA GLU A 106 12.80 6.68 -5.37
C GLU A 106 12.35 5.44 -4.61
N PHE A 107 11.09 5.41 -4.17
CA PHE A 107 10.65 4.23 -3.44
C PHE A 107 10.64 3.02 -4.35
N ALA A 108 10.17 3.16 -5.59
CA ALA A 108 10.18 2.00 -6.49
C ALA A 108 11.60 1.50 -6.65
N HIS A 109 12.55 2.43 -6.76
CA HIS A 109 13.91 2.01 -7.01
C HIS A 109 14.56 1.41 -5.77
N SER A 110 14.07 1.78 -4.58
CA SER A 110 14.56 1.13 -3.37
C SER A 110 14.15 -0.33 -3.35
N GLN A 111 13.10 -0.69 -4.09
CA GLN A 111 12.63 -2.06 -4.23
C GLN A 111 13.14 -2.70 -5.52
N SER A 112 14.07 -2.05 -6.21
CA SER A 112 14.62 -2.54 -7.48
C SER A 112 13.53 -2.79 -8.51
N GLN A 113 12.48 -1.97 -8.47
CA GLN A 113 11.33 -2.07 -9.35
C GLN A 113 11.41 -1.01 -10.44
N LYS A 114 10.65 -1.23 -11.51
CA LYS A 114 10.59 -0.31 -12.65
C LYS A 114 9.26 0.44 -12.65
N ILE A 115 9.34 1.74 -12.93
CA ILE A 115 8.17 2.60 -12.87
C ILE A 115 8.16 3.51 -14.09
N GLY A 116 6.94 3.73 -14.62
CA GLY A 116 6.75 4.57 -15.77
C GLY A 116 5.63 5.56 -15.49
N ILE A 117 5.43 6.45 -16.44
CA ILE A 117 4.33 7.41 -16.30
C ILE A 117 3.72 7.69 -17.65
N GLN A 118 2.40 7.88 -17.67
CA GLN A 118 1.65 8.16 -18.89
C GLN A 118 1.49 9.68 -19.06
N LEU A 119 2.12 10.23 -20.09
CA LEU A 119 1.93 11.64 -20.46
C LEU A 119 0.66 11.77 -21.28
N ALA A 120 -0.14 12.78 -20.96
CA ALA A 120 -1.52 12.81 -21.45
C ALA A 120 -1.98 14.25 -21.72
N HIS A 121 -3.05 14.34 -22.50
CA HIS A 121 -3.74 15.61 -22.70
C HIS A 121 -5.18 15.27 -23.06
N ALA A 122 -6.12 15.80 -22.31
CA ALA A 122 -7.53 15.42 -22.48
C ALA A 122 -8.24 16.14 -23.61
N GLY A 123 -7.66 17.21 -24.14
CA GLY A 123 -8.34 17.90 -25.24
C GLY A 123 -9.76 18.29 -24.86
N ARG A 124 -10.70 17.97 -25.75
CA ARG A 124 -12.08 18.41 -25.53
C ARG A 124 -12.76 17.69 -24.37
N LYS A 125 -12.16 16.64 -23.81
CA LYS A 125 -12.70 15.95 -22.65
C LYS A 125 -12.11 16.46 -21.34
N ALA A 126 -11.36 17.56 -21.40
CA ALA A 126 -10.73 18.13 -20.22
C ALA A 126 -11.74 18.86 -19.33
N SER A 127 -11.29 19.17 -18.12
CA SER A 127 -12.08 19.93 -17.15
C SER A 127 -13.39 19.23 -16.82
N ALA A 128 -13.33 17.91 -16.68
CA ALA A 128 -14.46 17.10 -16.24
C ALA A 128 -14.33 16.75 -14.76
N VAL A 129 -15.41 16.21 -14.20
CA VAL A 129 -15.40 15.83 -12.79
C VAL A 129 -14.98 14.37 -12.64
N ALA A 130 -14.58 14.01 -11.42
CA ALA A 130 -14.23 12.63 -11.09
C ALA A 130 -15.42 11.70 -11.38
N PRO A 131 -15.14 10.44 -11.76
CA PRO A 131 -16.21 9.57 -12.29
C PRO A 131 -17.27 9.19 -11.27
N TRP A 132 -16.93 9.21 -9.97
CA TRP A 132 -17.95 8.93 -8.95
C TRP A 132 -18.92 10.09 -8.78
N LEU A 133 -18.60 11.26 -9.31
CA LEU A 133 -19.56 12.36 -9.41
C LEU A 133 -20.38 12.26 -10.68
N SER A 134 -19.74 12.00 -11.81
CA SER A 134 -20.44 11.82 -13.07
C SER A 134 -19.52 11.11 -14.04
N GLY A 135 -20.11 10.25 -14.86
CA GLY A 135 -19.36 9.67 -15.96
C GLY A 135 -18.89 10.70 -16.96
N ASN A 136 -19.62 11.81 -17.09
CA ASN A 136 -19.20 12.90 -17.97
C ASN A 136 -19.98 14.15 -17.58
N ALA A 137 -19.31 15.05 -16.86
CA ALA A 137 -19.90 16.36 -16.57
C ALA A 137 -18.75 17.33 -16.39
N MET A 138 -19.03 18.60 -16.68
CA MET A 138 -17.99 19.61 -16.57
C MET A 138 -17.67 19.89 -15.09
N ALA A 139 -16.39 20.07 -14.80
CA ALA A 139 -15.95 20.73 -13.59
C ALA A 139 -16.03 22.23 -13.84
N VAL A 140 -16.96 22.92 -13.16
CA VAL A 140 -17.09 24.36 -13.34
C VAL A 140 -15.91 25.07 -12.69
N LYS A 141 -15.74 26.36 -13.05
CA LYS A 141 -14.59 27.10 -12.54
C LYS A 141 -14.58 27.13 -11.01
N GLU A 142 -15.75 27.18 -10.37
CA GLU A 142 -15.80 27.28 -8.92
C GLU A 142 -15.25 26.04 -8.20
N VAL A 143 -15.14 24.90 -8.89
CA VAL A 143 -14.56 23.70 -8.30
C VAL A 143 -13.19 23.39 -8.91
N GLY A 144 -12.54 24.39 -9.50
CA GLY A 144 -11.21 24.20 -10.05
C GLY A 144 -11.17 23.89 -11.52
N GLY A 145 -12.32 23.95 -12.20
CA GLY A 145 -12.36 23.69 -13.63
C GLY A 145 -11.95 24.89 -14.47
N TRP A 146 -11.95 24.66 -15.77
CA TRP A 146 -11.54 25.65 -16.76
C TRP A 146 -12.32 25.42 -18.05
N PRO A 147 -13.65 25.36 -18.01
CA PRO A 147 -14.40 25.01 -19.24
C PRO A 147 -14.13 25.92 -20.42
N ASP A 148 -13.86 27.21 -20.18
CA ASP A 148 -13.63 28.14 -21.29
C ASP A 148 -12.31 27.88 -22.01
N ASP A 149 -11.42 27.08 -21.43
CA ASP A 149 -10.04 26.98 -21.88
C ASP A 149 -9.68 25.61 -22.46
N ILE A 150 -10.65 24.71 -22.62
CA ILE A 150 -10.33 23.40 -23.20
C ILE A 150 -10.15 23.53 -24.70
N VAL A 151 -9.30 22.67 -25.27
CA VAL A 151 -8.85 22.78 -26.65
C VAL A 151 -9.06 21.47 -27.39
N ALA A 152 -9.11 21.54 -28.72
CA ALA A 152 -9.38 20.36 -29.53
C ALA A 152 -9.01 20.65 -30.98
N PRO A 153 -8.92 19.61 -31.83
CA PRO A 153 -8.70 19.88 -33.27
C PRO A 153 -9.84 20.65 -33.93
N SER A 154 -11.08 20.38 -33.52
CA SER A 154 -12.27 21.00 -34.10
C SER A 154 -13.23 21.41 -32.99
N ALA A 155 -14.07 22.39 -33.30
CA ALA A 155 -14.95 23.03 -32.31
C ALA A 155 -16.23 22.21 -32.16
N ILE A 156 -16.06 21.03 -31.59
CA ILE A 156 -17.14 20.06 -31.43
C ILE A 156 -17.03 19.50 -30.02
N PRO A 157 -18.06 19.63 -29.19
CA PRO A 157 -17.98 19.12 -27.82
C PRO A 157 -18.04 17.59 -27.78
N GLN A 158 -17.50 17.02 -26.71
CA GLN A 158 -17.56 15.57 -26.55
C GLN A 158 -19.00 15.08 -26.59
N GLU A 159 -19.86 15.65 -25.74
CA GLU A 159 -21.29 15.42 -25.77
C GLU A 159 -21.96 16.78 -25.73
N GLU A 160 -22.70 17.13 -26.78
CA GLU A 160 -23.31 18.46 -26.82
C GLU A 160 -24.35 18.59 -25.71
N GLY A 161 -24.36 19.76 -25.07
CA GLY A 161 -25.22 20.00 -23.93
C GLY A 161 -24.65 19.53 -22.62
N ILE A 162 -23.55 18.78 -22.64
CA ILE A 162 -22.85 18.36 -21.44
C ILE A 162 -21.50 19.05 -21.35
N ASN A 163 -20.65 18.88 -22.36
CA ASN A 163 -19.31 19.45 -22.35
C ASN A 163 -19.27 20.79 -23.05
N ALA A 164 -18.38 21.65 -22.56
CA ALA A 164 -18.13 22.93 -23.24
C ALA A 164 -17.62 22.68 -24.66
N VAL A 165 -17.98 23.59 -25.55
CA VAL A 165 -17.39 23.54 -26.90
C VAL A 165 -15.92 23.93 -26.81
N PRO A 166 -14.99 23.11 -27.30
CA PRO A 166 -13.57 23.42 -27.18
C PRO A 166 -13.14 24.49 -28.17
N LYS A 167 -12.08 25.20 -27.79
CA LYS A 167 -11.38 26.12 -28.68
C LYS A 167 -10.55 25.33 -29.69
N VAL A 168 -10.57 25.77 -30.93
CA VAL A 168 -9.82 25.09 -32.00
C VAL A 168 -8.34 25.42 -31.86
N LEU A 169 -7.49 24.40 -31.88
CA LEU A 169 -6.05 24.63 -31.83
C LEU A 169 -5.57 25.26 -33.13
N THR A 170 -4.84 26.37 -33.02
CA THR A 170 -4.23 26.95 -34.20
C THR A 170 -2.92 26.23 -34.49
N GLY A 171 -2.36 26.48 -35.68
CA GLY A 171 -1.03 25.98 -35.97
C GLY A 171 -0.02 26.35 -34.89
N GLU A 172 -0.05 27.60 -34.43
CA GLU A 172 0.88 28.01 -33.39
C GLU A 172 0.59 27.28 -32.08
N ASP A 173 -0.70 27.10 -31.75
CA ASP A 173 -1.05 26.30 -30.57
C ASP A 173 -0.48 24.90 -30.66
N ILE A 174 -0.49 24.32 -31.86
CA ILE A 174 -0.01 22.96 -32.03
C ILE A 174 1.50 22.92 -31.83
N GLY A 175 2.23 23.93 -32.34
CA GLY A 175 3.65 24.00 -32.05
C GLY A 175 3.93 24.05 -30.55
N VAL A 176 3.18 24.89 -29.83
CA VAL A 176 3.39 25.02 -28.39
C VAL A 176 3.05 23.70 -27.69
N LEU A 177 1.97 23.05 -28.13
CA LEU A 177 1.55 21.78 -27.56
C LEU A 177 2.64 20.73 -27.69
N LYS A 178 3.24 20.63 -28.88
CA LYS A 178 4.30 19.65 -29.09
C LYS A 178 5.50 19.95 -28.20
N LYS A 179 5.86 21.24 -28.09
CA LYS A 179 6.96 21.58 -27.20
C LYS A 179 6.63 21.25 -25.75
N ASP A 180 5.36 21.40 -25.37
CA ASP A 180 4.98 21.07 -23.99
C ASP A 180 5.00 19.57 -23.74
N TRP A 181 4.61 18.75 -24.74
CA TRP A 181 4.76 17.30 -24.58
C TRP A 181 6.21 16.93 -24.36
N ALA A 182 7.11 17.53 -25.15
CA ALA A 182 8.54 17.22 -24.99
C ALA A 182 9.06 17.72 -23.64
N GLU A 183 8.63 18.89 -23.21
CA GLU A 183 9.06 19.38 -21.91
C GLU A 183 8.56 18.50 -20.77
N ALA A 184 7.32 18.01 -20.86
CA ALA A 184 6.84 17.09 -19.85
C ALA A 184 7.66 15.81 -19.85
N ALA A 185 8.04 15.31 -21.04
CA ALA A 185 8.88 14.13 -21.08
C ALA A 185 10.24 14.40 -20.41
N LYS A 186 10.82 15.58 -20.65
CA LYS A 186 12.08 15.92 -19.96
C LYS A 186 11.90 15.94 -18.45
N ARG A 187 10.74 16.46 -17.98
CA ARG A 187 10.49 16.46 -16.54
C ARG A 187 10.34 15.04 -16.00
N ALA A 188 9.68 14.15 -16.76
CA ALA A 188 9.55 12.77 -16.34
C ALA A 188 10.92 12.12 -16.23
N VAL A 189 11.84 12.45 -17.14
CA VAL A 189 13.19 11.91 -17.04
C VAL A 189 13.87 12.42 -15.78
N ARG A 190 13.72 13.72 -15.49
CA ARG A 190 14.31 14.29 -14.27
C ARG A 190 13.70 13.73 -13.00
N ALA A 191 12.46 13.24 -13.06
CA ALA A 191 11.85 12.59 -11.91
C ALA A 191 12.26 11.13 -11.77
N ASN A 192 13.14 10.65 -12.67
CA ASN A 192 13.75 9.33 -12.61
C ASN A 192 12.75 8.22 -12.92
N PHE A 193 11.80 8.46 -13.81
CA PHE A 193 11.01 7.36 -14.33
C PHE A 193 11.89 6.49 -15.23
N ASP A 194 11.58 5.20 -15.24
CA ASP A 194 12.28 4.26 -16.09
C ASP A 194 11.71 4.21 -17.49
N ALA A 195 10.43 4.56 -17.63
CA ALA A 195 9.79 4.48 -18.93
C ALA A 195 8.72 5.56 -19.05
N ILE A 196 8.40 5.93 -20.30
CA ILE A 196 7.35 6.91 -20.55
C ILE A 196 6.34 6.30 -21.52
N GLU A 197 5.05 6.57 -21.29
CA GLU A 197 4.01 6.21 -22.24
C GLU A 197 3.30 7.47 -22.74
N ILE A 198 3.05 7.53 -24.03
CA ILE A 198 2.24 8.60 -24.60
C ILE A 198 0.80 8.11 -24.69
N HIS A 199 -0.14 8.87 -24.13
CA HIS A 199 -1.56 8.55 -24.17
C HIS A 199 -2.15 9.03 -25.49
N ALA A 200 -2.51 8.10 -26.38
CA ALA A 200 -3.12 8.45 -27.66
C ALA A 200 -4.49 7.78 -27.79
N ALA A 201 -5.16 7.53 -26.68
CA ALA A 201 -6.35 6.70 -26.65
C ALA A 201 -7.51 7.41 -25.96
N HIS A 202 -8.63 6.71 -25.90
CA HIS A 202 -9.74 6.99 -24.99
C HIS A 202 -10.42 8.32 -25.29
N GLY A 203 -10.37 8.72 -26.55
CA GLY A 203 -11.02 9.95 -26.98
C GLY A 203 -10.35 11.21 -26.51
N TYR A 204 -9.13 11.14 -26.00
CA TYR A 204 -8.45 12.34 -25.51
C TYR A 204 -7.77 13.02 -26.69
N LEU A 205 -6.85 13.97 -26.46
CA LEU A 205 -6.52 14.94 -27.51
C LEU A 205 -5.94 14.25 -28.75
N LEU A 206 -4.99 13.35 -28.57
CA LEU A 206 -4.34 12.78 -29.74
C LEU A 206 -5.30 11.87 -30.50
N HIS A 207 -6.15 11.13 -29.79
CA HIS A 207 -7.23 10.39 -30.44
C HIS A 207 -8.22 11.32 -31.13
N GLN A 208 -8.45 12.52 -30.55
CA GLN A 208 -9.31 13.50 -31.22
C GLN A 208 -8.74 13.87 -32.58
N PHE A 209 -7.41 13.97 -32.70
CA PHE A 209 -6.84 14.18 -34.04
C PHE A 209 -6.93 12.93 -34.90
N LEU A 210 -6.74 11.74 -34.32
CA LEU A 210 -6.75 10.51 -35.11
C LEU A 210 -8.10 10.23 -35.77
N SER A 211 -9.20 10.47 -35.04
CA SER A 211 -10.51 10.04 -35.52
C SER A 211 -11.18 11.11 -36.36
N PRO A 212 -11.65 10.80 -37.57
CA PRO A 212 -12.47 11.76 -38.33
C PRO A 212 -13.78 12.13 -37.66
N VAL A 213 -14.21 11.39 -36.62
CA VAL A 213 -15.43 11.79 -35.93
C VAL A 213 -15.22 13.12 -35.23
N SER A 214 -14.04 13.31 -34.63
CA SER A 214 -13.68 14.50 -33.88
C SER A 214 -12.85 15.50 -34.67
N ASN A 215 -12.08 15.02 -35.66
CA ASN A 215 -11.15 15.87 -36.40
C ASN A 215 -11.78 16.17 -37.74
N ARG A 216 -12.27 17.41 -37.88
CA ARG A 216 -12.82 17.90 -39.14
C ARG A 216 -11.91 18.94 -39.79
N ARG A 217 -10.64 19.02 -39.37
CA ARG A 217 -9.72 20.02 -39.91
C ARG A 217 -9.42 19.78 -41.38
N THR A 218 -9.14 20.87 -42.09
CA THR A 218 -8.73 20.81 -43.49
C THR A 218 -7.37 21.45 -43.72
N ASP A 219 -6.60 21.66 -42.63
CA ASP A 219 -5.19 21.95 -42.75
C ASP A 219 -4.40 20.65 -42.73
N LYS A 220 -3.08 20.73 -42.55
CA LYS A 220 -2.23 19.54 -42.64
C LYS A 220 -2.43 18.59 -41.47
N TYR A 221 -3.28 18.92 -40.49
CA TYR A 221 -3.52 18.05 -39.35
C TYR A 221 -4.88 17.37 -39.40
N GLY A 222 -5.60 17.45 -40.53
CA GLY A 222 -6.81 16.67 -40.67
C GLY A 222 -7.12 16.38 -42.12
N GLY A 223 -8.12 15.53 -42.34
CA GLY A 223 -8.67 15.36 -43.68
C GLY A 223 -8.08 14.21 -44.48
N SER A 224 -7.11 13.49 -43.95
CA SER A 224 -6.52 12.31 -44.57
C SER A 224 -5.85 11.52 -43.46
N PHE A 225 -5.55 10.26 -43.74
CA PHE A 225 -4.84 9.45 -42.75
C PHE A 225 -3.51 10.09 -42.41
N GLU A 226 -2.73 10.47 -43.42
CA GLU A 226 -1.40 11.04 -43.15
C GLU A 226 -1.52 12.30 -42.32
N ASN A 227 -2.58 13.09 -42.55
CA ASN A 227 -2.75 14.32 -41.81
C ASN A 227 -3.24 14.04 -40.40
N ARG A 228 -4.10 13.04 -40.24
CA ARG A 228 -4.68 12.77 -38.93
C ARG A 228 -3.66 12.17 -37.99
N VAL A 229 -2.76 11.32 -38.49
CA VAL A 229 -1.73 10.78 -37.60
C VAL A 229 -0.58 11.73 -37.38
N ARG A 230 -0.53 12.84 -38.12
CA ARG A 230 0.64 13.69 -38.16
C ARG A 230 1.06 14.16 -36.78
N ILE A 231 0.11 14.67 -35.98
CA ILE A 231 0.50 15.27 -34.70
C ILE A 231 1.07 14.20 -33.76
N LEU A 232 0.54 12.98 -33.81
CA LEU A 232 1.07 11.92 -32.96
C LEU A 232 2.47 11.50 -33.42
N LEU A 233 2.68 11.36 -34.73
CA LEU A 233 4.01 11.03 -35.21
C LEU A 233 5.02 12.10 -34.82
N GLU A 234 4.63 13.37 -34.98
CA GLU A 234 5.53 14.47 -34.64
C GLU A 234 5.82 14.50 -33.14
N ILE A 235 4.81 14.26 -32.29
CA ILE A 235 5.06 14.22 -30.86
C ILE A 235 6.00 13.09 -30.51
N CYS A 236 5.82 11.92 -31.12
CA CYS A 236 6.72 10.81 -30.84
C CYS A 236 8.15 11.17 -31.22
N GLU A 237 8.33 11.81 -32.39
CA GLU A 237 9.67 12.27 -32.78
C GLU A 237 10.23 13.27 -31.77
N GLU A 238 9.42 14.24 -31.36
CA GLU A 238 9.89 15.28 -30.45
C GLU A 238 10.28 14.69 -29.10
N VAL A 239 9.48 13.73 -28.62
CA VAL A 239 9.76 13.09 -27.33
C VAL A 239 11.02 12.23 -27.44
N ARG A 240 11.13 11.43 -28.50
CA ARG A 240 12.33 10.61 -28.69
C ARG A 240 13.59 11.46 -28.77
N ALA A 241 13.46 12.68 -29.30
CA ALA A 241 14.62 13.56 -29.41
C ALA A 241 15.13 14.09 -28.07
N VAL A 242 14.33 14.03 -27.01
CA VAL A 242 14.72 14.64 -25.74
C VAL A 242 14.85 13.65 -24.59
N ILE A 243 14.48 12.39 -24.77
CA ILE A 243 14.64 11.41 -23.70
C ILE A 243 15.83 10.50 -24.00
N PRO A 244 16.36 9.81 -22.99
CA PRO A 244 17.50 8.92 -23.26
C PRO A 244 17.16 7.86 -24.31
N THR A 245 18.13 7.57 -25.16
CA THR A 245 17.98 6.50 -26.12
C THR A 245 17.77 5.16 -25.41
N ALA A 246 18.21 5.04 -24.16
CA ALA A 246 18.00 3.82 -23.39
C ALA A 246 16.59 3.68 -22.83
N MET A 247 15.79 4.75 -22.82
CA MET A 247 14.48 4.74 -22.21
C MET A 247 13.42 4.09 -23.09
N PRO A 248 12.66 3.12 -22.58
CA PRO A 248 11.48 2.63 -23.30
C PRO A 248 10.43 3.71 -23.49
N LEU A 249 9.90 3.76 -24.71
CA LEU A 249 8.78 4.63 -25.08
C LEU A 249 7.59 3.78 -25.47
N LEU A 250 6.49 3.93 -24.74
CA LEU A 250 5.25 3.21 -24.97
C LEU A 250 4.23 4.18 -25.55
N VAL A 251 3.27 3.65 -26.31
CA VAL A 251 2.10 4.43 -26.72
C VAL A 251 0.86 3.60 -26.46
N ARG A 252 -0.14 4.18 -25.80
CA ARG A 252 -1.44 3.52 -25.68
C ARG A 252 -2.35 4.06 -26.76
N ILE A 253 -3.00 3.16 -27.50
CA ILE A 253 -3.94 3.57 -28.54
C ILE A 253 -5.32 3.06 -28.21
N SER A 254 -6.32 3.69 -28.82
CA SER A 254 -7.63 3.07 -28.99
C SER A 254 -7.62 2.36 -30.35
N ALA A 255 -7.81 1.05 -30.33
CA ALA A 255 -7.71 0.29 -31.58
C ALA A 255 -8.77 0.70 -32.56
N THR A 256 -9.94 1.12 -32.07
CA THR A 256 -11.08 1.41 -32.92
C THR A 256 -12.05 2.30 -32.17
N ASP A 257 -12.86 3.03 -32.94
CA ASP A 257 -14.04 3.72 -32.42
C ASP A 257 -15.23 2.78 -32.29
N TRP A 258 -15.12 1.54 -32.77
CA TRP A 258 -16.13 0.47 -32.72
C TRP A 258 -17.22 0.66 -33.77
N PHE A 259 -17.32 1.83 -34.41
CA PHE A 259 -18.38 2.07 -35.38
C PHE A 259 -18.27 1.12 -36.57
N GLU A 260 -17.05 0.69 -36.90
CA GLU A 260 -16.81 -0.18 -38.05
C GLU A 260 -17.47 -1.55 -37.93
N PHE A 261 -17.92 -1.94 -36.74
CA PHE A 261 -18.49 -3.27 -36.50
C PHE A 261 -20.01 -3.28 -36.51
N ASP A 262 -20.64 -2.16 -36.84
CA ASP A 262 -22.09 -2.06 -36.81
C ASP A 262 -22.54 -1.32 -38.06
N ASP A 263 -23.49 -1.91 -38.80
CA ASP A 263 -23.89 -1.30 -40.08
C ASP A 263 -24.51 0.08 -39.88
N ASN A 264 -25.38 0.23 -38.86
CA ASN A 264 -26.01 1.53 -38.64
C ASN A 264 -24.98 2.58 -38.20
N LEU A 265 -24.07 2.21 -37.30
CA LEU A 265 -23.08 3.18 -36.86
C LEU A 265 -22.08 3.50 -37.96
N THR A 266 -21.83 2.54 -38.86
CA THR A 266 -20.99 2.83 -40.03
C THR A 266 -21.70 3.81 -40.95
N LYS A 267 -23.03 3.69 -41.08
CA LYS A 267 -23.75 4.68 -41.86
C LYS A 267 -23.71 6.05 -41.20
N GLU A 268 -23.82 6.09 -39.87
CA GLU A 268 -23.86 7.37 -39.19
C GLU A 268 -22.48 8.03 -39.11
N PHE A 269 -21.42 7.22 -39.05
CA PHE A 269 -20.05 7.72 -38.95
C PHE A 269 -19.25 7.01 -40.03
N PRO A 270 -19.39 7.46 -41.29
CA PRO A 270 -18.81 6.69 -42.41
C PRO A 270 -17.30 6.67 -42.41
N GLU A 271 -16.65 7.59 -41.70
CA GLU A 271 -15.22 7.55 -41.50
C GLU A 271 -14.96 7.63 -40.01
N SER A 272 -14.22 6.66 -39.49
CA SER A 272 -13.92 6.64 -38.07
C SER A 272 -12.54 6.03 -37.90
N TRP A 273 -12.08 5.93 -36.65
CA TRP A 273 -10.81 5.27 -36.37
C TRP A 273 -11.06 3.77 -36.29
N THR A 274 -10.19 2.99 -36.93
CA THR A 274 -10.45 1.57 -37.14
C THR A 274 -9.21 0.74 -36.83
N VAL A 275 -9.40 -0.57 -36.68
CA VAL A 275 -8.29 -1.45 -36.38
C VAL A 275 -7.26 -1.44 -37.51
N ALA A 276 -7.72 -1.41 -38.77
CA ALA A 276 -6.78 -1.39 -39.88
C ALA A 276 -5.89 -0.15 -39.84
N GLN A 277 -6.49 1.01 -39.48
CA GLN A 277 -5.69 2.20 -39.33
C GLN A 277 -4.75 2.11 -38.15
N SER A 278 -5.19 1.45 -37.06
CA SER A 278 -4.29 1.24 -35.92
C SER A 278 -3.08 0.41 -36.32
N ILE A 279 -3.26 -0.59 -37.18
CA ILE A 279 -2.13 -1.39 -37.66
C ILE A 279 -1.16 -0.51 -38.46
N ARG A 280 -1.70 0.25 -39.41
CA ARG A 280 -0.86 1.14 -40.20
C ARG A 280 -0.10 2.12 -39.31
N LEU A 281 -0.82 2.72 -38.36
CA LEU A 281 -0.20 3.63 -37.41
C LEU A 281 0.89 2.94 -36.59
N ALA A 282 0.62 1.72 -36.12
CA ALA A 282 1.56 1.01 -35.26
C ALA A 282 2.90 0.88 -35.94
N LEU A 283 2.90 0.55 -37.24
CA LEU A 283 4.17 0.43 -37.95
C LEU A 283 4.88 1.79 -38.09
N LEU A 284 4.10 2.87 -38.29
CA LEU A 284 4.73 4.21 -38.32
C LEU A 284 5.33 4.61 -36.97
N LEU A 285 4.65 4.23 -35.89
CA LEU A 285 5.17 4.48 -34.55
C LEU A 285 6.45 3.69 -34.32
N ALA A 286 6.47 2.43 -34.73
CA ALA A 286 7.70 1.63 -34.61
C ALA A 286 8.85 2.28 -35.35
N ASP A 287 8.57 2.81 -36.55
CA ASP A 287 9.60 3.50 -37.31
C ASP A 287 10.19 4.68 -36.56
N ARG A 288 9.43 5.27 -35.64
CA ARG A 288 9.89 6.46 -34.92
C ARG A 288 10.37 6.18 -33.50
N GLY A 289 10.65 4.92 -33.17
CA GLY A 289 11.25 4.62 -31.88
C GLY A 289 10.28 4.35 -30.77
N VAL A 290 9.02 4.12 -31.09
CA VAL A 290 8.09 3.58 -30.11
C VAL A 290 8.36 2.09 -29.96
N ASP A 291 8.62 1.65 -28.72
CA ASP A 291 9.01 0.27 -28.45
C ASP A 291 7.82 -0.66 -28.27
N LEU A 292 6.73 -0.15 -27.70
CA LEU A 292 5.61 -1.01 -27.33
C LEU A 292 4.32 -0.19 -27.47
N VAL A 293 3.30 -0.82 -28.04
CA VAL A 293 1.96 -0.24 -28.12
C VAL A 293 1.02 -1.07 -27.24
N ASP A 294 0.31 -0.38 -26.36
CA ASP A 294 -0.73 -0.97 -25.52
C ASP A 294 -2.08 -0.71 -26.18
N VAL A 295 -2.91 -1.75 -26.29
CA VAL A 295 -4.09 -1.71 -27.16
C VAL A 295 -5.35 -1.63 -26.30
N SER A 296 -5.98 -0.45 -26.26
CA SER A 296 -7.29 -0.26 -25.68
C SER A 296 -8.27 0.06 -26.81
N SER A 297 -9.37 0.75 -26.50
CA SER A 297 -10.35 1.10 -27.53
C SER A 297 -11.34 2.10 -26.96
N GLY A 298 -12.06 2.76 -27.86
CA GLY A 298 -13.17 3.62 -27.49
C GLY A 298 -12.80 5.02 -27.06
N GLY A 299 -13.84 5.81 -26.75
CA GLY A 299 -13.69 7.10 -26.10
C GLY A 299 -14.18 8.30 -26.89
N ILE A 300 -14.39 8.20 -28.21
CA ILE A 300 -14.55 9.40 -29.03
C ILE A 300 -15.95 9.99 -29.00
N HIS A 301 -16.94 9.31 -28.44
CA HIS A 301 -18.33 9.71 -28.59
C HIS A 301 -19.15 9.05 -27.50
N ALA A 302 -20.31 9.65 -27.20
CA ALA A 302 -21.24 8.97 -26.29
C ALA A 302 -21.55 7.56 -26.76
N LYS A 303 -21.65 7.37 -28.08
CA LYS A 303 -21.90 6.05 -28.67
C LYS A 303 -20.64 5.19 -28.75
N SER A 304 -19.49 5.68 -28.21
CA SER A 304 -18.21 4.95 -28.23
C SER A 304 -17.47 5.25 -26.91
N ALA A 305 -17.89 4.57 -25.85
CA ALA A 305 -17.29 4.79 -24.54
C ALA A 305 -15.89 4.17 -24.46
N ILE A 306 -15.08 4.69 -23.53
CA ILE A 306 -13.83 4.03 -23.18
C ILE A 306 -14.14 2.62 -22.73
N ALA A 307 -13.38 1.65 -23.24
CA ALA A 307 -13.70 0.24 -23.02
C ALA A 307 -13.21 -0.17 -21.63
N ILE A 308 -14.06 0.08 -20.66
CA ILE A 308 -13.92 -0.39 -19.28
C ILE A 308 -15.13 -1.27 -19.06
N ARG A 309 -14.96 -2.59 -19.21
CA ARG A 309 -16.06 -3.54 -19.29
C ARG A 309 -15.89 -4.66 -18.27
N SER A 310 -16.94 -5.47 -18.14
CA SER A 310 -17.02 -6.43 -17.04
C SER A 310 -16.59 -7.85 -17.41
N GLY A 311 -16.36 -8.13 -18.69
CA GLY A 311 -16.01 -9.47 -19.12
C GLY A 311 -14.52 -9.74 -19.13
N PRO A 312 -14.14 -11.00 -19.39
CA PRO A 312 -12.72 -11.35 -19.39
C PRO A 312 -12.06 -11.06 -20.74
N GLY A 313 -10.92 -10.37 -20.69
CA GLY A 313 -10.10 -10.24 -21.90
C GLY A 313 -10.84 -9.68 -23.09
N TYR A 314 -11.68 -8.67 -22.87
CA TYR A 314 -12.65 -8.27 -23.88
C TYR A 314 -12.08 -7.53 -25.07
N GLN A 315 -10.81 -7.07 -25.03
CA GLN A 315 -10.26 -6.53 -26.26
CA GLN A 315 -10.12 -6.37 -26.10
C GLN A 315 -8.90 -7.15 -26.57
N VAL A 316 -8.69 -8.37 -26.06
CA VAL A 316 -7.50 -9.13 -26.40
C VAL A 316 -7.42 -9.36 -27.90
N HIS A 317 -8.58 -9.58 -28.55
CA HIS A 317 -8.56 -9.88 -29.97
C HIS A 317 -8.00 -8.71 -30.79
N PHE A 318 -8.26 -7.46 -30.38
CA PHE A 318 -7.63 -6.33 -31.09
C PHE A 318 -6.11 -6.39 -30.96
N ALA A 319 -5.61 -6.69 -29.77
CA ALA A 319 -4.16 -6.79 -29.59
C ALA A 319 -3.58 -7.91 -30.44
N GLN A 320 -4.30 -9.04 -30.54
CA GLN A 320 -3.80 -10.16 -31.33
C GLN A 320 -3.78 -9.82 -32.81
N GLU A 321 -4.83 -9.15 -33.31
CA GLU A 321 -4.86 -8.77 -34.71
C GLU A 321 -3.71 -7.82 -35.04
N ILE A 322 -3.47 -6.85 -34.15
CA ILE A 322 -2.37 -5.91 -34.39
C ILE A 322 -1.03 -6.62 -34.30
N LYS A 323 -0.85 -7.51 -33.31
CA LYS A 323 0.42 -8.20 -33.17
C LYS A 323 0.69 -9.10 -34.36
N LYS A 324 -0.33 -9.82 -34.84
CA LYS A 324 -0.15 -10.62 -36.04
C LYS A 324 0.31 -9.76 -37.21
N ALA A 325 -0.26 -8.57 -37.34
CA ALA A 325 0.10 -7.71 -38.47
C ALA A 325 1.50 -7.12 -38.34
N VAL A 326 1.97 -6.84 -37.13
CA VAL A 326 3.26 -6.16 -36.99
C VAL A 326 4.41 -7.12 -36.73
N GLY A 327 4.13 -8.33 -36.27
CA GLY A 327 5.20 -9.29 -36.01
C GLY A 327 6.22 -8.77 -35.01
N GLU A 328 7.49 -9.01 -35.29
CA GLU A 328 8.55 -8.61 -34.37
C GLU A 328 8.96 -7.15 -34.54
N LYS A 329 8.31 -6.40 -35.43
CA LYS A 329 8.66 -4.99 -35.60
C LYS A 329 8.29 -4.16 -34.39
N LEU A 330 7.41 -4.66 -33.51
CA LEU A 330 6.87 -3.83 -32.43
C LEU A 330 6.33 -4.74 -31.34
N LEU A 331 6.54 -4.35 -30.08
CA LEU A 331 5.94 -5.08 -28.96
C LEU A 331 4.52 -4.61 -28.73
N ILE A 332 3.65 -5.55 -28.34
CA ILE A 332 2.23 -5.29 -28.13
C ILE A 332 1.84 -5.80 -26.74
N SER A 333 1.10 -4.95 -26.01
CA SER A 333 0.46 -5.40 -24.79
C SER A 333 -1.05 -5.28 -24.91
N ALA A 334 -1.72 -6.19 -24.23
CA ALA A 334 -3.18 -6.21 -24.16
C ALA A 334 -3.64 -5.76 -22.78
N VAL A 335 -4.87 -5.23 -22.73
CA VAL A 335 -5.44 -4.76 -21.47
C VAL A 335 -6.94 -4.88 -21.56
N GLY A 336 -7.57 -5.09 -20.40
CA GLY A 336 -9.02 -5.08 -20.33
C GLY A 336 -9.56 -6.39 -19.80
N GLY A 337 -9.91 -6.42 -18.52
CA GLY A 337 -10.44 -7.64 -17.96
C GLY A 337 -9.46 -8.79 -17.91
N ILE A 338 -8.16 -8.52 -17.88
CA ILE A 338 -7.17 -9.59 -17.80
C ILE A 338 -6.95 -9.82 -16.31
N LYS A 339 -7.86 -10.60 -15.73
CA LYS A 339 -8.12 -10.57 -14.29
C LYS A 339 -7.78 -11.88 -13.60
N THR A 340 -7.35 -12.90 -14.34
CA THR A 340 -6.87 -14.14 -13.75
C THR A 340 -5.53 -14.50 -14.36
N GLY A 341 -4.73 -15.24 -13.60
CA GLY A 341 -3.44 -15.68 -14.10
C GLY A 341 -3.56 -16.62 -15.30
N ALA A 342 -4.57 -17.50 -15.29
CA ALA A 342 -4.73 -18.40 -16.42
C ALA A 342 -4.97 -17.61 -17.71
N LEU A 343 -5.84 -16.60 -17.64
CA LEU A 343 -6.11 -15.81 -18.82
C LEU A 343 -4.86 -15.04 -19.25
N ALA A 344 -4.16 -14.42 -18.29
CA ALA A 344 -2.97 -13.64 -18.63
C ALA A 344 -1.92 -14.50 -19.33
N GLU A 345 -1.70 -15.72 -18.82
CA GLU A 345 -0.75 -16.61 -19.48
C GLU A 345 -1.25 -17.05 -20.85
N GLU A 346 -2.55 -17.33 -21.01
CA GLU A 346 -3.08 -17.67 -22.33
C GLU A 346 -2.88 -16.53 -23.32
N VAL A 347 -3.04 -15.29 -22.85
CA VAL A 347 -2.87 -14.14 -23.73
C VAL A 347 -1.42 -14.04 -24.21
N VAL A 348 -0.46 -14.13 -23.28
CA VAL A 348 0.91 -13.99 -23.75
C VAL A 348 1.35 -15.21 -24.56
N GLN A 349 0.83 -16.40 -24.24
CA GLN A 349 1.19 -17.59 -25.02
C GLN A 349 0.57 -17.57 -26.41
N SER A 350 -0.43 -16.70 -26.66
CA SER A 350 -0.97 -16.52 -28.00
C SER A 350 -0.10 -15.60 -28.85
N GLY A 351 0.97 -15.05 -28.28
CA GLY A 351 1.91 -14.22 -29.02
C GLY A 351 1.99 -12.79 -28.56
N ILE A 352 1.14 -12.37 -27.62
CA ILE A 352 1.20 -11.02 -27.09
C ILE A 352 2.40 -10.91 -26.16
N ASP A 353 3.07 -9.74 -26.17
CA ASP A 353 4.32 -9.59 -25.45
C ASP A 353 4.12 -9.31 -23.98
N ALA A 354 3.08 -8.58 -23.62
CA ALA A 354 2.83 -8.33 -22.20
C ALA A 354 1.34 -8.05 -22.01
N VAL A 355 0.92 -8.09 -20.75
CA VAL A 355 -0.46 -7.74 -20.43
C VAL A 355 -0.43 -6.70 -19.32
N GLN A 356 -1.48 -5.90 -19.29
CA GLN A 356 -1.64 -4.87 -18.26
C GLN A 356 -2.96 -5.10 -17.54
N ALA A 357 -2.97 -4.73 -16.26
CA ALA A 357 -4.17 -4.75 -15.45
C ALA A 357 -4.28 -3.43 -14.69
N GLY A 358 -5.49 -2.88 -14.66
CA GLY A 358 -5.74 -1.62 -13.97
C GLY A 358 -6.57 -1.81 -12.72
N ARG A 359 -7.88 -1.96 -12.89
CA ARG A 359 -8.76 -2.09 -11.73
C ARG A 359 -8.35 -3.24 -10.84
N TRP A 360 -7.85 -4.34 -11.44
CA TRP A 360 -7.61 -5.55 -10.66
C TRP A 360 -6.48 -5.37 -9.67
N PHE A 361 -5.54 -4.45 -9.94
CA PHE A 361 -4.50 -4.11 -8.96
C PHE A 361 -5.03 -3.24 -7.85
N GLN A 362 -5.93 -2.29 -8.13
CA GLN A 362 -6.46 -1.48 -7.03
C GLN A 362 -7.38 -2.33 -6.15
N GLN A 363 -8.08 -3.29 -6.74
CA GLN A 363 -8.87 -4.22 -5.95
C GLN A 363 -7.97 -5.13 -5.12
N ASN A 364 -6.84 -5.54 -5.68
CA ASN A 364 -5.93 -6.48 -5.02
C ASN A 364 -4.49 -6.08 -5.35
N PRO A 365 -3.83 -5.33 -4.47
CA PRO A 365 -2.43 -4.94 -4.73
C PRO A 365 -1.51 -6.13 -4.90
N GLY A 366 -1.89 -7.29 -4.36
CA GLY A 366 -1.10 -8.51 -4.50
C GLY A 366 -1.50 -9.36 -5.70
N LEU A 367 -2.03 -8.70 -6.72
CA LEU A 367 -2.48 -9.41 -7.93
C LEU A 367 -1.40 -10.32 -8.50
N VAL A 368 -0.14 -9.90 -8.46
CA VAL A 368 0.95 -10.71 -9.01
C VAL A 368 0.99 -12.07 -8.31
N ARG A 369 0.92 -12.08 -6.98
CA ARG A 369 0.96 -13.34 -6.25
C ARG A 369 -0.29 -14.18 -6.51
N ALA A 370 -1.45 -13.54 -6.65
CA ALA A 370 -2.66 -14.27 -7.00
C ALA A 370 -2.49 -14.99 -8.32
N PHE A 371 -2.00 -14.27 -9.33
CA PHE A 371 -1.79 -14.86 -10.63
C PHE A 371 -0.77 -15.98 -10.57
N ALA A 372 0.31 -15.77 -9.81
CA ALA A 372 1.34 -16.80 -9.69
C ALA A 372 0.79 -18.05 -9.02
N ASN A 373 -0.02 -17.87 -7.97
CA ASN A 373 -0.63 -19.02 -7.30
C ASN A 373 -1.53 -19.78 -8.26
N GLU A 374 -2.37 -19.07 -9.02
CA GLU A 374 -3.24 -19.76 -9.97
C GLU A 374 -2.46 -20.53 -11.03
N LEU A 375 -1.28 -20.05 -11.40
CA LEU A 375 -0.44 -20.70 -12.40
C LEU A 375 0.50 -21.73 -11.81
N GLY A 376 0.48 -21.92 -10.48
CA GLY A 376 1.34 -22.90 -9.85
C GLY A 376 2.81 -22.56 -9.89
N VAL A 377 3.15 -21.27 -9.91
CA VAL A 377 4.53 -20.84 -9.93
C VAL A 377 4.80 -19.95 -8.72
N LYS A 378 6.08 -19.67 -8.50
CA LYS A 378 6.54 -18.90 -7.35
C LYS A 378 7.14 -17.61 -7.87
N VAL A 379 6.57 -16.48 -7.48
CA VAL A 379 7.05 -15.16 -7.87
C VAL A 379 7.36 -14.40 -6.59
N ARG A 380 8.59 -13.91 -6.49
CA ARG A 380 9.04 -13.30 -5.24
C ARG A 380 8.30 -12.01 -4.95
N MET A 381 8.07 -11.76 -3.67
CA MET A 381 7.43 -10.56 -3.20
C MET A 381 8.55 -9.80 -2.45
N ALA A 382 8.28 -8.58 -1.98
CA ALA A 382 9.22 -7.95 -1.04
C ALA A 382 9.55 -8.92 0.09
N THR A 383 10.79 -8.85 0.60
CA THR A 383 11.21 -9.77 1.66
C THR A 383 10.22 -9.77 2.82
N GLN A 384 9.76 -8.59 3.23
CA GLN A 384 8.86 -8.50 4.38
C GLN A 384 7.53 -9.17 4.08
N ILE A 385 7.06 -9.03 2.84
CA ILE A 385 5.78 -9.62 2.48
C ILE A 385 5.89 -11.14 2.38
N ASP A 386 6.95 -11.65 1.73
CA ASP A 386 7.11 -13.09 1.69
C ASP A 386 7.27 -13.64 3.10
N TRP A 387 7.96 -12.91 3.99
CA TRP A 387 8.13 -13.40 5.35
C TRP A 387 6.79 -13.50 6.07
N SER A 388 5.84 -12.62 5.75
CA SER A 388 4.55 -12.67 6.44
C SER A 388 3.78 -13.96 6.18
N PHE A 389 4.22 -14.80 5.23
CA PHE A 389 3.56 -16.07 4.99
C PHE A 389 4.09 -17.21 5.85
N GLU A 390 5.16 -16.99 6.62
CA GLU A 390 5.63 -17.99 7.58
C GLU A 390 4.63 -18.21 8.71
N SER B 3 -22.34 27.68 0.82
CA SER B 3 -21.32 26.76 0.27
C SER B 3 -21.90 25.91 -0.86
N TYR B 4 -21.38 26.11 -2.07
CA TYR B 4 -21.83 25.35 -3.21
C TYR B 4 -20.85 24.22 -3.52
N TYR B 5 -21.38 23.19 -4.17
CA TYR B 5 -20.60 22.02 -4.61
C TYR B 5 -19.97 21.29 -3.43
N THR B 6 -20.67 21.28 -2.30
CA THR B 6 -20.20 20.52 -1.15
C THR B 6 -20.20 19.03 -1.50
N PRO B 7 -19.08 18.34 -1.29
CA PRO B 7 -19.05 16.91 -1.58
C PRO B 7 -19.95 16.13 -0.63
N ALA B 8 -20.52 15.05 -1.14
CA ALA B 8 -21.30 14.16 -0.31
C ALA B 8 -20.45 13.67 0.85
N GLN B 9 -20.98 13.79 2.07
CA GLN B 9 -20.25 13.30 3.22
C GLN B 9 -20.18 11.78 3.17
N VAL B 10 -19.02 11.24 3.50
CA VAL B 10 -18.84 9.79 3.54
C VAL B 10 -18.23 9.42 4.89
N PRO B 11 -18.54 8.25 5.43
CA PRO B 11 -17.90 7.82 6.67
C PRO B 11 -16.48 7.36 6.38
N PRO B 12 -15.66 7.22 7.41
CA PRO B 12 -14.32 6.69 7.20
C PRO B 12 -14.35 5.28 6.60
N ALA B 13 -13.35 4.98 5.79
CA ALA B 13 -13.12 3.60 5.41
C ALA B 13 -13.10 2.73 6.65
N GLY B 14 -13.72 1.55 6.55
CA GLY B 14 -13.89 0.67 7.68
C GLY B 14 -15.25 0.75 8.33
N THR B 15 -16.11 1.67 7.88
CA THR B 15 -17.45 1.79 8.42
C THR B 15 -18.38 0.75 7.80
N GLN B 16 -19.17 0.10 8.63
CA GLN B 16 -20.20 -0.81 8.16
C GLN B 16 -21.35 0.02 7.61
N VAL B 17 -21.45 0.09 6.28
CA VAL B 17 -22.55 0.85 5.68
C VAL B 17 -23.80 0.00 5.43
N GLU B 18 -23.67 -1.32 5.35
CA GLU B 18 -24.81 -2.22 5.38
C GLU B 18 -24.43 -3.45 6.18
N GLY B 19 -25.33 -3.87 7.07
CA GLY B 19 -25.05 -5.03 7.89
C GLY B 19 -25.03 -4.70 9.37
N SER B 20 -25.12 -5.72 10.22
CA SER B 20 -25.17 -5.50 11.66
C SER B 20 -24.20 -6.41 12.42
N THR B 21 -23.07 -6.77 11.82
CA THR B 21 -22.08 -7.53 12.57
C THR B 21 -21.54 -6.69 13.74
N LYS B 22 -21.10 -7.40 14.79
CA LYS B 22 -20.40 -6.73 15.87
C LYS B 22 -18.99 -6.33 15.44
N LEU B 23 -18.33 -7.17 14.63
CA LEU B 23 -16.97 -6.89 14.20
C LEU B 23 -16.84 -5.53 13.54
N PHE B 24 -17.82 -5.17 12.71
CA PHE B 24 -17.73 -3.90 12.01
C PHE B 24 -18.60 -2.83 12.65
N SER B 25 -18.89 -2.98 13.89
CA SER B 25 -19.55 -1.95 14.67
C SER B 25 -18.50 -1.09 15.36
N PRO B 26 -18.74 0.21 15.54
CA PRO B 26 -17.71 1.08 16.12
C PRO B 26 -17.45 0.78 17.58
N LEU B 27 -16.27 1.22 18.02
CA LEU B 27 -15.88 1.10 19.43
C LEU B 27 -15.27 2.43 19.86
N THR B 28 -15.77 3.01 20.96
CA THR B 28 -15.20 4.24 21.49
C THR B 28 -14.37 3.95 22.74
N ILE B 29 -13.14 4.45 22.77
CA ILE B 29 -12.31 4.44 23.97
C ILE B 29 -11.92 5.87 24.24
N ARG B 30 -12.35 6.39 25.40
CA ARG B 30 -12.06 7.77 25.78
C ARG B 30 -12.38 8.72 24.63
N GLY B 31 -11.39 9.47 24.14
CA GLY B 31 -11.67 10.43 23.11
C GLY B 31 -11.61 9.93 21.67
N VAL B 32 -11.49 8.63 21.43
CA VAL B 32 -11.30 8.12 20.07
C VAL B 32 -12.37 7.09 19.75
N THR B 33 -13.00 7.24 18.58
CA THR B 33 -13.91 6.21 18.09
C THR B 33 -13.27 5.50 16.90
N PHE B 34 -13.16 4.19 17.00
CA PHE B 34 -12.71 3.33 15.91
C PHE B 34 -13.93 2.87 15.12
N PRO B 35 -13.90 2.94 13.79
CA PRO B 35 -15.08 2.58 12.99
C PRO B 35 -15.42 1.11 13.05
N ASN B 36 -14.45 0.25 13.40
CA ASN B 36 -14.72 -1.17 13.56
C ASN B 36 -13.73 -1.74 14.55
N ARG B 37 -13.89 -3.03 14.83
CA ARG B 37 -13.13 -3.72 15.87
C ARG B 37 -12.15 -4.72 15.27
N LEU B 38 -11.72 -4.50 14.03
CA LEU B 38 -10.68 -5.29 13.39
C LEU B 38 -9.44 -4.41 13.31
N PHE B 39 -8.47 -4.68 14.18
CA PHE B 39 -7.27 -3.86 14.25
C PHE B 39 -6.10 -4.52 13.52
N LEU B 40 -5.22 -3.70 12.97
CA LEU B 40 -3.92 -4.18 12.51
C LEU B 40 -3.02 -4.31 13.73
N ALA B 41 -2.56 -5.53 13.99
CA ALA B 41 -1.65 -5.79 15.10
C ALA B 41 -0.25 -5.26 14.78
N PRO B 42 0.53 -4.92 15.80
CA PRO B 42 1.90 -4.46 15.57
C PRO B 42 2.72 -5.56 14.88
N LEU B 43 3.48 -5.17 13.85
CA LEU B 43 4.13 -6.19 13.02
C LEU B 43 5.43 -5.59 12.49
N CYS B 44 6.54 -5.96 13.14
CA CYS B 44 7.87 -5.45 12.80
C CYS B 44 8.17 -5.66 11.32
N GLN B 45 8.80 -4.64 10.71
CA GLN B 45 9.15 -4.66 9.31
C GLN B 45 10.65 -4.77 9.07
N TYR B 46 11.48 -4.58 10.11
CA TYR B 46 12.93 -4.70 9.99
C TYR B 46 13.47 -3.91 8.80
N SER B 47 13.00 -2.66 8.70
CA SER B 47 13.29 -1.84 7.52
C SER B 47 13.83 -0.45 7.85
N ALA B 48 14.19 -0.17 9.10
CA ALA B 48 14.64 1.14 9.53
C ALA B 48 16.16 1.20 9.68
N LYS B 49 16.67 2.42 9.59
CA LYS B 49 18.04 2.74 9.99
C LYS B 49 17.98 3.76 11.11
N ASP B 50 18.70 3.49 12.20
CA ASP B 50 18.79 4.40 13.35
C ASP B 50 17.42 4.74 13.91
N GLY B 51 16.49 3.78 13.79
CA GLY B 51 15.16 3.93 14.35
C GLY B 51 14.17 4.76 13.54
N TYR B 52 14.58 5.32 12.41
CA TYR B 52 13.69 6.22 11.67
C TYR B 52 12.72 5.46 10.77
N ALA B 53 11.46 5.88 10.80
CA ALA B 53 10.55 5.42 9.77
C ALA B 53 10.96 6.01 8.43
N ASN B 54 10.66 5.28 7.36
CA ASN B 54 11.00 5.74 6.01
C ASN B 54 9.83 5.37 5.09
N ASP B 55 10.08 5.43 3.77
CA ASP B 55 8.93 5.26 2.91
C ASP B 55 8.49 3.80 2.81
N TRP B 56 9.31 2.83 3.26
CA TRP B 56 8.75 1.49 3.44
C TRP B 56 7.59 1.55 4.45
N HIS B 57 7.85 2.10 5.63
CA HIS B 57 6.78 2.15 6.63
C HIS B 57 5.59 2.96 6.15
N LEU B 58 5.84 4.08 5.46
CA LEU B 58 4.72 4.90 4.99
C LEU B 58 3.89 4.15 3.95
N THR B 59 4.52 3.48 3.00
CA THR B 59 3.73 2.78 1.98
C THR B 59 3.08 1.52 2.54
N HIS B 60 3.74 0.83 3.47
CA HIS B 60 3.17 -0.37 4.09
C HIS B 60 1.95 -0.02 4.94
N ILE B 61 2.13 0.90 5.89
CA ILE B 61 1.03 1.29 6.76
C ILE B 61 -0.05 2.01 5.96
N GLY B 62 0.37 2.91 5.05
CA GLY B 62 -0.61 3.67 4.28
C GLY B 62 -1.47 2.79 3.39
N GLY B 63 -0.86 1.77 2.77
CA GLY B 63 -1.62 0.86 1.95
C GLY B 63 -2.68 0.12 2.75
N ILE B 64 -2.35 -0.22 3.99
CA ILE B 64 -3.35 -0.91 4.82
C ILE B 64 -4.41 0.07 5.32
N VAL B 65 -4.01 1.27 5.72
CA VAL B 65 -4.94 2.25 6.27
C VAL B 65 -5.95 2.70 5.22
N GLN B 66 -5.54 2.75 3.94
CA GLN B 66 -6.48 3.05 2.86
C GLN B 66 -7.67 2.10 2.88
N ARG B 67 -7.50 0.92 3.47
CA ARG B 67 -8.46 -0.16 3.40
C ARG B 67 -9.13 -0.43 4.74
N GLY B 68 -9.07 0.54 5.66
CA GLY B 68 -10.01 0.66 6.76
C GLY B 68 -9.97 -0.27 7.97
N PRO B 69 -8.80 -0.66 8.49
CA PRO B 69 -8.80 -1.27 9.82
C PRO B 69 -9.29 -0.24 10.83
N GLY B 70 -9.96 -0.74 11.88
CA GLY B 70 -10.51 0.19 12.86
C GLY B 70 -9.42 1.01 13.54
N LEU B 71 -8.29 0.36 13.80
CA LEU B 71 -7.10 0.99 14.37
C LEU B 71 -5.91 0.29 13.73
N ALA B 72 -4.94 1.06 13.24
CA ALA B 72 -3.71 0.50 12.71
C ALA B 72 -2.64 0.71 13.77
N ILE B 73 -2.15 -0.36 14.37
CA ILE B 73 -1.11 -0.26 15.39
C ILE B 73 0.23 -0.55 14.73
N MET B 74 1.11 0.44 14.74
CA MET B 74 2.45 0.35 14.20
C MET B 74 3.31 -0.55 15.08
N GLU B 75 4.31 -1.18 14.46
CA GLU B 75 5.19 -2.19 15.04
C GLU B 75 5.91 -1.70 16.29
N ALA B 76 6.51 -2.67 17.01
CA ALA B 76 7.34 -2.40 18.19
C ALA B 76 8.34 -1.28 17.92
N THR B 77 8.25 -0.22 18.71
CA THR B 77 9.04 0.98 18.52
C THR B 77 9.79 1.26 19.82
N ALA B 78 11.13 1.22 19.76
CA ALA B 78 11.91 1.11 20.98
C ALA B 78 11.94 2.43 21.75
N VAL B 79 11.80 2.32 23.07
CA VAL B 79 11.87 3.51 23.92
C VAL B 79 13.30 3.84 24.35
N GLN B 80 14.24 2.92 24.15
CA GLN B 80 15.66 3.17 24.31
C GLN B 80 16.36 2.55 23.11
N LYS B 81 17.47 3.18 22.70
CA LYS B 81 18.23 2.69 21.55
C LYS B 81 18.66 1.23 21.77
N VAL B 82 19.12 0.91 22.98
CA VAL B 82 19.53 -0.47 23.26
C VAL B 82 18.36 -1.42 23.41
N GLY B 83 17.13 -0.92 23.40
CA GLY B 83 15.96 -1.75 23.49
C GLY B 83 15.34 -2.15 22.17
N ARG B 84 15.95 -1.78 21.05
CA ARG B 84 15.49 -2.28 19.77
C ARG B 84 15.66 -3.80 19.70
N ILE B 85 14.70 -4.50 19.08
CA ILE B 85 14.87 -5.94 18.87
C ILE B 85 16.01 -6.21 17.90
N THR B 86 15.99 -5.53 16.75
CA THR B 86 17.03 -5.61 15.73
C THR B 86 17.56 -4.22 15.43
N PRO B 87 18.71 -4.11 14.75
CA PRO B 87 19.18 -2.78 14.30
C PRO B 87 18.29 -2.16 13.25
N GLN B 88 17.26 -2.85 12.78
CA GLN B 88 16.35 -2.34 11.78
C GLN B 88 15.00 -1.94 12.37
N ASP B 89 14.87 -1.89 13.70
CA ASP B 89 13.62 -1.53 14.32
C ASP B 89 13.37 -0.03 14.28
N LEU B 90 12.08 0.33 14.36
CA LEU B 90 11.70 1.71 14.65
C LEU B 90 12.07 2.07 16.08
N GLY B 91 12.31 3.38 16.30
CA GLY B 91 12.51 3.90 17.63
C GLY B 91 11.70 5.16 17.88
N LEU B 92 11.52 5.46 19.17
CA LEU B 92 10.98 6.74 19.60
C LEU B 92 11.85 7.30 20.71
N TYR B 93 13.15 6.99 20.66
CA TYR B 93 14.11 7.42 21.66
C TYR B 93 14.85 8.70 21.27
N ASP B 94 14.66 9.19 20.04
CA ASP B 94 15.27 10.43 19.58
C ASP B 94 14.17 11.39 19.15
N ASP B 95 14.36 12.69 19.43
CA ASP B 95 13.37 13.66 18.96
C ASP B 95 13.24 13.62 17.44
N GLY B 96 14.34 13.28 16.75
CA GLY B 96 14.30 13.20 15.31
C GLY B 96 13.34 12.15 14.78
N HIS B 97 12.94 11.20 15.63
CA HIS B 97 12.01 10.16 15.17
C HIS B 97 10.62 10.70 14.93
N ILE B 98 10.28 11.86 15.50
CA ILE B 98 8.91 12.34 15.44
C ILE B 98 8.49 12.66 14.00
N GLU B 99 9.34 13.40 13.27
CA GLU B 99 8.91 13.92 11.96
C GLU B 99 8.55 12.83 10.97
N PRO B 100 9.34 11.77 10.79
CA PRO B 100 8.91 10.74 9.82
C PRO B 100 7.62 10.05 10.25
N LEU B 101 7.45 9.79 11.55
CA LEU B 101 6.22 9.15 11.99
C LEU B 101 5.02 10.06 11.78
N LYS B 102 5.21 11.37 11.99
CA LYS B 102 4.13 12.32 11.77
C LYS B 102 3.64 12.27 10.33
N ARG B 103 4.54 11.97 9.38
CA ARG B 103 4.10 11.88 7.99
C ARG B 103 3.14 10.73 7.82
N ILE B 104 3.35 9.64 8.56
CA ILE B 104 2.45 8.50 8.48
C ILE B 104 1.12 8.82 9.16
N THR B 105 1.16 9.45 10.33
CA THR B 105 -0.11 9.73 11.00
C THR B 105 -0.90 10.77 10.21
N GLU B 106 -0.19 11.73 9.60
CA GLU B 106 -0.86 12.67 8.72
C GLU B 106 -1.63 11.95 7.61
N PHE B 107 -0.99 10.95 6.99
CA PHE B 107 -1.69 10.27 5.91
C PHE B 107 -2.90 9.52 6.45
N ALA B 108 -2.75 8.87 7.60
CA ALA B 108 -3.90 8.17 8.17
C ALA B 108 -5.02 9.15 8.43
N HIS B 109 -4.66 10.34 8.94
CA HIS B 109 -5.69 11.29 9.28
C HIS B 109 -6.31 11.92 8.04
N SER B 110 -5.58 11.95 6.92
CA SER B 110 -6.19 12.42 5.69
C SER B 110 -7.29 11.47 5.24
N GLN B 111 -7.25 10.22 5.69
CA GLN B 111 -8.25 9.21 5.39
C GLN B 111 -9.27 9.07 6.52
N SER B 112 -9.22 9.98 7.50
CA SER B 112 -10.08 9.93 8.68
C SER B 112 -9.95 8.61 9.43
N GLN B 113 -8.74 8.05 9.44
CA GLN B 113 -8.44 6.78 10.08
C GLN B 113 -7.69 7.00 11.40
N LYS B 114 -7.73 5.97 12.25
CA LYS B 114 -7.05 6.01 13.54
C LYS B 114 -5.80 5.16 13.51
N ILE B 115 -4.75 5.65 14.14
CA ILE B 115 -3.43 5.02 14.09
C ILE B 115 -2.81 5.07 15.48
N GLY B 116 -2.16 3.97 15.84
CA GLY B 116 -1.48 3.86 17.11
C GLY B 116 -0.06 3.35 16.90
N ILE B 117 0.68 3.31 18.00
CA ILE B 117 2.02 2.75 17.93
C ILE B 117 2.32 1.98 19.21
N GLN B 118 3.11 0.91 19.08
CA GLN B 118 3.48 0.06 20.20
C GLN B 118 4.85 0.50 20.72
N LEU B 119 4.89 1.00 21.94
CA LEU B 119 6.15 1.33 22.61
C LEU B 119 6.73 0.07 23.23
N ALA B 120 8.04 -0.15 23.02
CA ALA B 120 8.63 -1.45 23.28
C ALA B 120 10.05 -1.33 23.85
N HIS B 121 10.51 -2.43 24.44
CA HIS B 121 11.92 -2.56 24.83
C HIS B 121 12.23 -4.04 24.88
N ALA B 122 13.23 -4.48 24.14
CA ALA B 122 13.49 -5.90 23.96
C ALA B 122 14.28 -6.52 25.12
N GLY B 123 14.88 -5.71 25.98
CA GLY B 123 15.64 -6.28 27.09
C GLY B 123 16.68 -7.27 26.60
N ARG B 124 16.72 -8.44 27.22
CA ARG B 124 17.76 -9.40 26.89
C ARG B 124 17.61 -10.01 25.50
N LYS B 125 16.49 -9.78 24.82
CA LYS B 125 16.34 -10.24 23.45
C LYS B 125 16.73 -9.18 22.42
N ALA B 126 17.35 -8.08 22.87
CA ALA B 126 17.72 -7.01 21.97
C ALA B 126 18.96 -7.35 21.16
N SER B 127 19.21 -6.53 20.14
CA SER B 127 20.40 -6.64 19.29
C SER B 127 20.46 -8.01 18.59
N ALA B 128 19.30 -8.45 18.09
CA ALA B 128 19.16 -9.67 17.31
C ALA B 128 19.03 -9.32 15.83
N VAL B 129 19.17 -10.34 14.98
CA VAL B 129 19.03 -10.14 13.53
C VAL B 129 17.58 -10.33 13.11
N ALA B 130 17.27 -9.81 11.92
CA ALA B 130 15.95 -9.99 11.32
C ALA B 130 15.62 -11.47 11.18
N PRO B 131 14.33 -11.83 11.26
CA PRO B 131 13.98 -13.27 11.37
C PRO B 131 14.27 -14.06 10.12
N TRP B 132 14.35 -13.42 8.95
CA TRP B 132 14.73 -14.18 7.76
C TRP B 132 16.22 -14.53 7.73
N LEU B 133 17.03 -13.89 8.58
CA LEU B 133 18.40 -14.34 8.77
C LEU B 133 18.49 -15.42 9.84
N SER B 134 17.81 -15.24 10.97
CA SER B 134 17.74 -16.25 12.01
C SER B 134 16.57 -15.98 12.92
N GLY B 135 15.94 -17.04 13.41
CA GLY B 135 14.93 -16.88 14.45
C GLY B 135 15.48 -16.34 15.74
N ASN B 136 16.78 -16.54 15.99
CA ASN B 136 17.41 -15.97 17.18
C ASN B 136 18.93 -16.04 16.98
N ALA B 137 19.52 -14.91 16.63
CA ALA B 137 20.96 -14.78 16.61
C ALA B 137 21.31 -13.31 16.84
N MET B 138 22.50 -13.09 17.39
CA MET B 138 22.92 -11.72 17.67
C MET B 138 23.28 -10.98 16.39
N ALA B 139 22.85 -9.72 16.33
CA ALA B 139 23.44 -8.73 15.43
C ALA B 139 24.75 -8.25 16.06
N VAL B 140 25.87 -8.56 15.44
CA VAL B 140 27.17 -8.13 15.98
C VAL B 140 27.37 -6.65 15.71
N LYS B 141 28.36 -6.05 16.39
CA LYS B 141 28.58 -4.61 16.27
C LYS B 141 28.83 -4.19 14.82
N GLU B 142 29.52 -5.03 14.04
CA GLU B 142 29.84 -4.66 12.67
C GLU B 142 28.61 -4.53 11.76
N VAL B 143 27.46 -5.06 12.14
CA VAL B 143 26.22 -4.89 11.37
C VAL B 143 25.24 -3.99 12.12
N GLY B 144 25.72 -3.18 13.05
CA GLY B 144 24.87 -2.26 13.76
C GLY B 144 24.36 -2.75 15.08
N GLY B 145 24.81 -3.93 15.54
CA GLY B 145 24.39 -4.46 16.81
C GLY B 145 25.10 -3.80 17.98
N TRP B 146 24.68 -4.22 19.18
CA TRP B 146 25.19 -3.71 20.44
C TRP B 146 25.14 -4.82 21.49
N PRO B 147 25.69 -6.01 21.20
CA PRO B 147 25.54 -7.14 22.14
C PRO B 147 26.04 -6.86 23.56
N ASP B 148 27.07 -6.04 23.71
CA ASP B 148 27.60 -5.73 25.04
C ASP B 148 26.68 -4.84 25.86
N ASP B 149 25.66 -4.24 25.26
CA ASP B 149 24.90 -3.19 25.89
C ASP B 149 23.44 -3.56 26.14
N ILE B 150 23.06 -4.81 25.90
CA ILE B 150 21.68 -5.20 26.20
C ILE B 150 21.48 -5.34 27.70
N VAL B 151 20.24 -5.15 28.16
CA VAL B 151 19.92 -5.04 29.58
C VAL B 151 18.74 -5.93 29.92
N ALA B 152 18.62 -6.27 31.21
CA ALA B 152 17.61 -7.23 31.65
C ALA B 152 17.47 -7.12 33.16
N PRO B 153 16.41 -7.73 33.73
CA PRO B 153 16.33 -7.80 35.19
C PRO B 153 17.43 -8.63 35.82
N SER B 154 17.86 -9.70 35.14
CA SER B 154 18.85 -10.63 35.67
C SER B 154 19.81 -11.03 34.55
N ALA B 155 21.05 -11.36 34.94
CA ALA B 155 22.12 -11.66 33.99
C ALA B 155 22.01 -13.11 33.49
N ILE B 156 20.97 -13.33 32.67
CA ILE B 156 20.67 -14.64 32.11
C ILE B 156 20.37 -14.44 30.63
N PRO B 157 21.08 -15.11 29.73
CA PRO B 157 20.80 -14.93 28.30
C PRO B 157 19.50 -15.60 27.90
N GLN B 158 18.88 -15.06 26.84
CA GLN B 158 17.67 -15.67 26.30
C GLN B 158 17.88 -17.14 25.99
N GLU B 159 18.90 -17.45 25.18
CA GLU B 159 19.35 -18.81 24.96
CA GLU B 159 19.35 -18.80 24.92
C GLU B 159 20.87 -18.84 25.12
N GLU B 160 21.33 -19.63 26.08
CA GLU B 160 22.75 -19.67 26.36
C GLU B 160 23.51 -20.23 25.16
N GLY B 161 24.63 -19.59 24.82
CA GLY B 161 25.40 -19.94 23.67
C GLY B 161 24.97 -19.24 22.41
N ILE B 162 23.82 -18.59 22.42
CA ILE B 162 23.30 -17.84 21.29
C ILE B 162 23.30 -16.34 21.59
N ASN B 163 22.64 -15.94 22.66
CA ASN B 163 22.50 -14.53 22.98
C ASN B 163 23.56 -14.11 23.99
N ALA B 164 23.97 -12.84 23.88
CA ALA B 164 24.85 -12.26 24.89
C ALA B 164 24.18 -12.28 26.25
N VAL B 165 25.01 -12.37 27.29
CA VAL B 165 24.50 -12.25 28.65
C VAL B 165 24.16 -10.79 28.88
N PRO B 166 22.93 -10.47 29.27
CA PRO B 166 22.54 -9.06 29.44
C PRO B 166 23.14 -8.47 30.72
N LYS B 167 23.31 -7.14 30.70
CA LYS B 167 23.68 -6.41 31.89
C LYS B 167 22.47 -6.23 32.81
N VAL B 168 22.69 -6.35 34.12
CA VAL B 168 21.61 -6.23 35.09
C VAL B 168 21.26 -4.76 35.31
N LEU B 169 19.98 -4.43 35.18
CA LEU B 169 19.52 -3.08 35.47
C LEU B 169 19.61 -2.77 36.96
N THR B 170 20.27 -1.67 37.30
CA THR B 170 20.22 -1.17 38.68
C THR B 170 18.92 -0.42 38.92
N GLY B 171 18.64 -0.11 40.18
CA GLY B 171 17.50 0.73 40.49
C GLY B 171 17.55 2.07 39.78
N GLU B 172 18.73 2.70 39.74
CA GLU B 172 18.87 3.95 38.99
CA GLU B 172 18.87 3.95 38.99
C GLU B 172 18.57 3.73 37.51
N ASP B 173 19.10 2.64 36.93
CA ASP B 173 18.81 2.32 35.53
C ASP B 173 17.32 2.17 35.29
N ILE B 174 16.61 1.56 36.24
CA ILE B 174 15.17 1.38 36.10
C ILE B 174 14.47 2.73 36.17
N GLY B 175 14.94 3.65 37.01
CA GLY B 175 14.37 4.99 36.99
C GLY B 175 14.53 5.68 35.65
N VAL B 176 15.73 5.57 35.08
CA VAL B 176 15.98 6.15 33.75
C VAL B 176 15.10 5.48 32.70
N LEU B 177 14.99 4.15 32.77
CA LEU B 177 14.16 3.41 31.82
C LEU B 177 12.71 3.89 31.86
N LYS B 178 12.17 4.05 33.07
CA LYS B 178 10.80 4.53 33.19
C LYS B 178 10.65 5.92 32.61
N LYS B 179 11.62 6.81 32.88
CA LYS B 179 11.56 8.14 32.30
C LYS B 179 11.62 8.07 30.78
N ASP B 180 12.41 7.15 30.24
CA ASP B 180 12.51 7.03 28.79
C ASP B 180 11.24 6.48 28.18
N TRP B 181 10.55 5.56 28.87
CA TRP B 181 9.24 5.12 28.40
C TRP B 181 8.28 6.29 28.32
N ALA B 182 8.25 7.11 29.38
CA ALA B 182 7.36 8.27 29.39
C ALA B 182 7.73 9.26 28.30
N GLU B 183 9.04 9.47 28.07
CA GLU B 183 9.43 10.42 27.03
C GLU B 183 9.08 9.91 25.65
N ALA B 184 9.22 8.59 25.42
CA ALA B 184 8.78 8.04 24.15
C ALA B 184 7.28 8.20 23.97
N ALA B 185 6.50 8.06 25.04
CA ALA B 185 5.07 8.32 24.94
C ALA B 185 4.78 9.77 24.58
N LYS B 186 5.50 10.72 25.21
CA LYS B 186 5.36 12.13 24.86
C LYS B 186 5.70 12.37 23.39
N ARG B 187 6.74 11.72 22.89
CA ARG B 187 7.09 11.84 21.48
C ARG B 187 6.00 11.25 20.58
N ALA B 188 5.40 10.13 20.98
CA ALA B 188 4.31 9.56 20.20
C ALA B 188 3.15 10.53 20.11
N VAL B 189 2.85 11.21 21.22
CA VAL B 189 1.79 12.21 21.20
C VAL B 189 2.13 13.34 20.25
N ARG B 190 3.39 13.81 20.29
CA ARG B 190 3.80 14.86 19.37
C ARG B 190 3.77 14.41 17.92
N ALA B 191 3.90 13.10 17.66
CA ALA B 191 3.79 12.59 16.30
C ALA B 191 2.35 12.39 15.86
N ASN B 192 1.39 12.75 16.71
CA ASN B 192 -0.04 12.74 16.41
C ASN B 192 -0.61 11.34 16.25
N PHE B 193 -0.10 10.37 17.01
CA PHE B 193 -0.79 9.09 17.11
C PHE B 193 -2.08 9.25 17.90
N ASP B 194 -3.08 8.45 17.54
CA ASP B 194 -4.35 8.48 18.26
C ASP B 194 -4.34 7.60 19.48
N ALA B 195 -3.48 6.58 19.49
CA ALA B 195 -3.44 5.67 20.64
C ALA B 195 -2.02 5.14 20.82
N ILE B 196 -1.75 4.70 22.06
CA ILE B 196 -0.45 4.12 22.39
C ILE B 196 -0.66 2.74 23.01
N GLU B 197 0.21 1.78 22.65
CA GLU B 197 0.23 0.48 23.32
C GLU B 197 1.58 0.26 23.99
N ILE B 198 1.57 -0.28 25.20
CA ILE B 198 2.79 -0.71 25.88
C ILE B 198 2.99 -2.19 25.61
N HIS B 199 4.17 -2.54 25.09
CA HIS B 199 4.52 -3.93 24.83
C HIS B 199 5.02 -4.57 26.12
N ALA B 200 4.23 -5.49 26.70
CA ALA B 200 4.64 -6.21 27.90
C ALA B 200 4.66 -7.71 27.66
N ALA B 201 4.88 -8.13 26.42
CA ALA B 201 4.70 -9.52 26.02
C ALA B 201 5.96 -10.05 25.33
N HIS B 202 5.87 -11.31 24.89
CA HIS B 202 6.77 -11.92 23.92
C HIS B 202 8.20 -12.02 24.42
N GLY B 203 8.35 -12.11 25.75
CA GLY B 203 9.66 -12.33 26.32
C GLY B 203 10.53 -11.11 26.32
N TYR B 204 9.98 -9.94 26.02
CA TYR B 204 10.78 -8.72 25.96
C TYR B 204 10.90 -8.16 27.38
N LEU B 205 11.35 -6.90 27.52
CA LEU B 205 11.88 -6.49 28.83
C LEU B 205 10.84 -6.58 29.95
N LEU B 206 9.64 -6.05 29.72
CA LEU B 206 8.66 -6.05 30.81
C LEU B 206 8.22 -7.47 31.16
N HIS B 207 8.07 -8.34 30.16
CA HIS B 207 7.81 -9.75 30.42
C HIS B 207 8.99 -10.41 31.13
N GLN B 208 10.22 -9.98 30.83
CA GLN B 208 11.36 -10.50 31.57
C GLN B 208 11.24 -10.20 33.04
N PHE B 209 10.68 -9.03 33.40
CA PHE B 209 10.41 -8.78 34.81
C PHE B 209 9.21 -9.60 35.32
N LEU B 210 8.19 -9.80 34.49
CA LEU B 210 7.00 -10.51 34.95
C LEU B 210 7.30 -11.96 35.31
N SER B 211 8.12 -12.63 34.52
CA SER B 211 8.28 -14.08 34.65
C SER B 211 9.41 -14.44 35.60
N PRO B 212 9.15 -15.30 36.60
CA PRO B 212 10.26 -15.81 37.43
C PRO B 212 11.29 -16.63 36.67
N VAL B 213 11.01 -17.04 35.43
CA VAL B 213 12.01 -17.75 34.65
C VAL B 213 13.20 -16.85 34.35
N SER B 214 12.92 -15.59 34.01
CA SER B 214 13.90 -14.59 33.65
C SER B 214 14.25 -13.63 34.77
N ASN B 215 13.35 -13.43 35.74
CA ASN B 215 13.54 -12.45 36.80
C ASN B 215 13.91 -13.21 38.06
N ARG B 216 15.19 -13.08 38.44
CA ARG B 216 15.71 -13.68 39.67
C ARG B 216 16.09 -12.62 40.68
N ARG B 217 15.60 -11.39 40.53
CA ARG B 217 16.00 -10.32 41.43
C ARG B 217 15.42 -10.52 42.82
N THR B 218 16.14 -10.00 43.82
CA THR B 218 15.71 -10.01 45.21
C THR B 218 15.55 -8.60 45.77
N ASP B 219 15.50 -7.59 44.90
CA ASP B 219 15.11 -6.24 45.31
C ASP B 219 13.61 -6.09 45.09
N LYS B 220 13.10 -4.85 45.15
CA LYS B 220 11.66 -4.64 45.04
C LYS B 220 11.10 -4.92 43.66
N TYR B 221 11.94 -5.26 42.68
CA TYR B 221 11.45 -5.59 41.35
C TYR B 221 11.50 -7.08 41.03
N GLY B 222 11.74 -7.96 42.00
CA GLY B 222 11.65 -9.38 41.74
C GLY B 222 11.26 -10.15 42.98
N GLY B 223 10.92 -11.43 42.79
CA GLY B 223 10.80 -12.33 43.94
C GLY B 223 9.44 -12.47 44.58
N SER B 224 8.44 -11.72 44.12
CA SER B 224 7.03 -11.85 44.52
C SER B 224 6.21 -11.33 43.36
N PHE B 225 4.92 -11.68 43.34
CA PHE B 225 4.05 -11.15 42.28
C PHE B 225 4.05 -9.64 42.27
N GLU B 226 3.82 -9.02 43.44
CA GLU B 226 3.76 -7.56 43.48
C GLU B 226 5.08 -6.95 43.00
N ASN B 227 6.21 -7.59 43.34
CA ASN B 227 7.49 -7.07 42.89
C ASN B 227 7.68 -7.26 41.39
N ARG B 228 7.23 -8.40 40.86
CA ARG B 228 7.46 -8.69 39.45
C ARG B 228 6.61 -7.82 38.53
N VAL B 229 5.39 -7.49 38.94
CA VAL B 229 4.57 -6.61 38.11
C VAL B 229 4.89 -5.14 38.34
N ARG B 230 5.74 -4.83 39.33
CA ARG B 230 5.93 -3.45 39.76
C ARG B 230 6.40 -2.54 38.63
N ILE B 231 7.39 -2.98 37.84
CA ILE B 231 7.90 -2.07 36.83
C ILE B 231 6.83 -1.77 35.77
N LEU B 232 5.99 -2.75 35.45
CA LEU B 232 4.94 -2.50 34.48
C LEU B 232 3.89 -1.56 35.04
N LEU B 233 3.47 -1.78 36.29
CA LEU B 233 2.48 -0.89 36.89
C LEU B 233 3.02 0.53 36.98
N GLU B 234 4.29 0.67 37.34
CA GLU B 234 4.90 2.00 37.44
C GLU B 234 5.00 2.67 36.08
N ILE B 235 5.36 1.90 35.04
CA ILE B 235 5.44 2.48 33.70
C ILE B 235 4.04 2.93 33.24
N CYS B 236 3.02 2.13 33.53
CA CYS B 236 1.67 2.54 33.13
C CYS B 236 1.26 3.83 33.84
N GLU B 237 1.56 3.94 35.13
CA GLU B 237 1.26 5.18 35.85
CA GLU B 237 1.26 5.18 35.85
C GLU B 237 2.00 6.36 35.24
N GLU B 238 3.27 6.19 34.93
CA GLU B 238 4.05 7.33 34.47
C GLU B 238 3.72 7.70 33.03
N VAL B 239 3.33 6.74 32.21
CA VAL B 239 2.84 7.05 30.87
C VAL B 239 1.49 7.75 30.95
N ARG B 240 0.57 7.22 31.75
CA ARG B 240 -0.72 7.90 31.91
C ARG B 240 -0.55 9.33 32.39
N ALA B 241 0.49 9.60 33.18
CA ALA B 241 0.70 10.93 33.71
C ALA B 241 1.10 11.95 32.66
N VAL B 242 1.57 11.51 31.49
CA VAL B 242 2.14 12.43 30.51
C VAL B 242 1.41 12.42 29.18
N ILE B 243 0.44 11.53 28.97
CA ILE B 243 -0.31 11.54 27.72
C ILE B 243 -1.67 12.16 27.97
N PRO B 244 -2.37 12.62 26.94
CA PRO B 244 -3.70 13.20 27.14
C PRO B 244 -4.63 12.20 27.80
N THR B 245 -5.49 12.71 28.69
CA THR B 245 -6.52 11.86 29.29
C THR B 245 -7.47 11.30 28.24
N ALA B 246 -7.60 11.96 27.08
CA ALA B 246 -8.44 11.47 26.00
C ALA B 246 -7.83 10.30 25.24
N MET B 247 -6.54 10.02 25.41
CA MET B 247 -5.84 9.05 24.58
C MET B 247 -6.04 7.62 25.09
N PRO B 248 -6.49 6.70 24.23
CA PRO B 248 -6.48 5.27 24.61
C PRO B 248 -5.08 4.75 24.91
N LEU B 249 -5.02 3.98 26.00
CA LEU B 249 -3.79 3.27 26.40
C LEU B 249 -4.07 1.77 26.38
N LEU B 250 -3.28 1.06 25.55
CA LEU B 250 -3.37 -0.38 25.38
C LEU B 250 -2.15 -1.01 26.00
N VAL B 251 -2.29 -2.25 26.47
CA VAL B 251 -1.14 -3.06 26.87
C VAL B 251 -1.27 -4.42 26.20
N ARG B 252 -0.21 -4.89 25.56
CA ARG B 252 -0.18 -6.26 25.07
C ARG B 252 0.56 -7.13 26.09
N ILE B 253 -0.04 -8.26 26.48
CA ILE B 253 0.59 -9.17 27.42
C ILE B 253 0.80 -10.52 26.76
N SER B 254 1.70 -11.31 27.35
CA SER B 254 1.74 -12.75 27.13
C SER B 254 0.93 -13.37 28.25
N ALA B 255 -0.15 -14.08 27.89
CA ALA B 255 -1.02 -14.63 28.92
C ALA B 255 -0.33 -15.69 29.75
N THR B 256 0.67 -16.35 29.18
CA THR B 256 1.34 -17.45 29.87
C THR B 256 2.68 -17.71 29.21
N ASP B 257 3.59 -18.31 29.98
CA ASP B 257 4.82 -18.90 29.45
C ASP B 257 4.59 -20.28 28.84
N TRP B 258 3.40 -20.86 28.99
CA TRP B 258 2.97 -22.15 28.45
C TRP B 258 3.50 -23.32 29.26
N PHE B 259 4.48 -23.09 30.14
CA PHE B 259 5.05 -24.17 30.95
C PHE B 259 3.99 -24.83 31.81
N GLU B 260 3.02 -24.04 32.29
CA GLU B 260 1.98 -24.55 33.17
C GLU B 260 1.10 -25.61 32.50
N PHE B 261 1.14 -25.73 31.18
CA PHE B 261 0.26 -26.64 30.45
C PHE B 261 0.98 -27.86 29.91
N ASP B 262 2.24 -28.08 30.27
CA ASP B 262 2.98 -29.24 29.79
C ASP B 262 3.59 -29.94 30.99
N ASP B 263 3.42 -31.27 31.05
CA ASP B 263 3.84 -32.04 32.23
C ASP B 263 5.34 -31.90 32.49
N ASN B 264 6.15 -32.02 31.44
CA ASN B 264 7.59 -31.96 31.61
C ASN B 264 8.07 -30.54 31.86
N LEU B 265 7.55 -29.57 31.09
CA LEU B 265 8.03 -28.20 31.23
C LEU B 265 7.65 -27.60 32.57
N THR B 266 6.52 -28.00 33.16
CA THR B 266 6.20 -27.55 34.52
C THR B 266 7.23 -28.05 35.51
N LYS B 267 7.71 -29.28 35.33
CA LYS B 267 8.75 -29.78 36.23
C LYS B 267 10.05 -29.04 36.02
N GLU B 268 10.38 -28.72 34.76
CA GLU B 268 11.62 -28.03 34.44
C GLU B 268 11.61 -26.59 34.94
N PHE B 269 10.47 -25.91 34.84
CA PHE B 269 10.32 -24.51 35.26
C PHE B 269 9.08 -24.40 36.13
N PRO B 270 9.22 -24.68 37.43
CA PRO B 270 8.04 -24.75 38.30
C PRO B 270 7.48 -23.41 38.73
N GLU B 271 8.14 -22.30 38.44
CA GLU B 271 7.57 -20.97 38.69
C GLU B 271 7.67 -20.20 37.39
N SER B 272 6.52 -19.80 36.85
CA SER B 272 6.51 -19.14 35.55
C SER B 272 5.37 -18.14 35.53
N TRP B 273 5.26 -17.40 34.42
CA TRP B 273 4.13 -16.51 34.20
C TRP B 273 2.95 -17.33 33.70
N THR B 274 1.77 -17.07 34.26
CA THR B 274 0.61 -17.94 34.07
C THR B 274 -0.65 -17.14 33.78
N VAL B 275 -1.67 -17.83 33.26
CA VAL B 275 -2.94 -17.18 32.95
C VAL B 275 -3.58 -16.58 34.20
N ALA B 276 -3.47 -17.26 35.34
CA ALA B 276 -4.09 -16.72 36.56
C ALA B 276 -3.42 -15.42 36.99
N GLN B 277 -2.10 -15.35 36.84
CA GLN B 277 -1.39 -14.10 37.11
C GLN B 277 -1.78 -13.03 36.11
N SER B 278 -2.01 -13.43 34.85
CA SER B 278 -2.44 -12.45 33.86
C SER B 278 -3.80 -11.85 34.22
N ILE B 279 -4.72 -12.66 34.75
CA ILE B 279 -6.01 -12.13 35.19
C ILE B 279 -5.82 -11.11 36.33
N ARG B 280 -5.02 -11.50 37.34
CA ARG B 280 -4.74 -10.57 38.45
C ARG B 280 -4.11 -9.27 37.94
N LEU B 281 -3.12 -9.40 37.05
CA LEU B 281 -2.47 -8.24 36.45
C LEU B 281 -3.46 -7.39 35.67
N ALA B 282 -4.33 -8.02 34.87
CA ALA B 282 -5.27 -7.25 34.06
C ALA B 282 -6.11 -6.31 34.91
N LEU B 283 -6.57 -6.78 36.08
CA LEU B 283 -7.36 -5.87 36.91
C LEU B 283 -6.50 -4.74 37.49
N LEU B 284 -5.25 -5.04 37.86
CA LEU B 284 -4.38 -3.94 38.31
C LEU B 284 -4.12 -2.91 37.20
N LEU B 285 -4.00 -3.38 35.96
CA LEU B 285 -3.79 -2.48 34.84
C LEU B 285 -5.00 -1.58 34.65
N ALA B 286 -6.20 -2.18 34.70
CA ALA B 286 -7.43 -1.41 34.60
C ALA B 286 -7.48 -0.32 35.67
N ASP B 287 -7.01 -0.64 36.88
CA ASP B 287 -6.98 0.36 37.94
C ASP B 287 -6.05 1.51 37.63
N ARG B 288 -5.09 1.33 36.73
CA ARG B 288 -4.15 2.40 36.42
C ARG B 288 -4.41 3.10 35.08
N GLY B 289 -5.61 3.00 34.53
CA GLY B 289 -5.94 3.74 33.33
C GLY B 289 -5.57 3.06 32.03
N VAL B 290 -5.26 1.78 32.07
CA VAL B 290 -5.13 0.99 30.85
C VAL B 290 -6.53 0.65 30.36
N ASP B 291 -6.83 1.03 29.11
CA ASP B 291 -8.17 0.86 28.58
C ASP B 291 -8.39 -0.50 27.97
N LEU B 292 -7.35 -1.06 27.37
CA LEU B 292 -7.56 -2.32 26.67
C LEU B 292 -6.30 -3.17 26.79
N VAL B 293 -6.48 -4.48 27.01
CA VAL B 293 -5.38 -5.43 27.00
C VAL B 293 -5.55 -6.38 25.82
N ASP B 294 -4.50 -6.50 25.02
CA ASP B 294 -4.42 -7.44 23.92
C ASP B 294 -3.66 -8.67 24.39
N VAL B 295 -4.20 -9.85 24.10
CA VAL B 295 -3.75 -11.08 24.76
C VAL B 295 -2.99 -11.95 23.76
N SER B 296 -1.66 -12.01 23.90
CA SER B 296 -0.82 -12.94 23.17
C SER B 296 -0.23 -13.92 24.18
N SER B 297 0.94 -14.50 23.88
CA SER B 297 1.52 -15.50 24.77
C SER B 297 2.94 -15.81 24.31
N GLY B 298 3.73 -16.40 25.23
CA GLY B 298 5.02 -16.94 24.88
C GLY B 298 6.14 -15.93 24.87
N GLY B 299 7.35 -16.44 24.61
CA GLY B 299 8.52 -15.62 24.32
C GLY B 299 9.68 -15.74 25.30
N ILE B 300 9.50 -16.29 26.50
CA ILE B 300 10.50 -16.11 27.56
C ILE B 300 11.69 -17.07 27.47
N HIS B 301 11.66 -18.06 26.58
CA HIS B 301 12.66 -19.13 26.60
C HIS B 301 12.65 -19.81 25.24
N ALA B 302 13.74 -20.51 24.92
CA ALA B 302 13.75 -21.28 23.68
C ALA B 302 12.60 -22.27 23.65
N LYS B 303 12.21 -22.78 24.82
CA LYS B 303 11.10 -23.72 24.97
C LYS B 303 9.74 -23.03 25.09
N SER B 304 9.71 -21.70 24.90
CA SER B 304 8.48 -20.91 24.98
C SER B 304 8.58 -19.81 23.92
N ALA B 305 8.28 -20.17 22.68
CA ALA B 305 8.35 -19.23 21.57
C ALA B 305 7.20 -18.23 21.62
N ILE B 306 7.42 -17.07 21.00
CA ILE B 306 6.32 -16.17 20.69
C ILE B 306 5.28 -16.95 19.89
N ALA B 307 4.01 -16.83 20.30
CA ALA B 307 2.93 -17.63 19.71
C ALA B 307 2.56 -17.06 18.35
N ILE B 308 3.30 -17.49 17.33
CA ILE B 308 3.03 -17.20 15.92
C ILE B 308 2.82 -18.56 15.27
N ARG B 309 1.57 -18.97 15.11
CA ARG B 309 1.22 -20.35 14.83
C ARG B 309 0.33 -20.44 13.61
N SER B 310 0.09 -21.66 13.14
CA SER B 310 -0.56 -21.86 11.84
C SER B 310 -2.05 -22.15 11.91
N GLY B 311 -2.61 -22.35 13.10
CA GLY B 311 -4.01 -22.72 13.22
C GLY B 311 -4.94 -21.53 13.40
N PRO B 312 -6.25 -21.79 13.42
CA PRO B 312 -7.22 -20.68 13.54
C PRO B 312 -7.46 -20.30 14.99
N GLY B 313 -7.34 -19.01 15.28
CA GLY B 313 -7.74 -18.51 16.60
C GLY B 313 -7.10 -19.23 17.76
N TYR B 314 -5.80 -19.49 17.66
CA TYR B 314 -5.19 -20.48 18.55
C TYR B 314 -5.00 -20.01 19.98
N GLN B 315 -5.15 -18.71 20.30
CA GLN B 315 -5.10 -18.30 21.70
C GLN B 315 -6.28 -17.39 22.05
N VAL B 316 -7.36 -17.53 21.28
CA VAL B 316 -8.62 -16.87 21.64
C VAL B 316 -9.08 -17.29 23.04
N HIS B 317 -8.84 -18.56 23.42
CA HIS B 317 -9.35 -19.02 24.71
C HIS B 317 -8.72 -18.26 25.87
N PHE B 318 -7.44 -17.85 25.77
CA PHE B 318 -6.86 -17.03 26.83
C PHE B 318 -7.58 -15.70 26.95
N ALA B 319 -7.86 -15.07 25.80
CA ALA B 319 -8.56 -13.80 25.80
C ALA B 319 -9.94 -13.96 26.43
N GLN B 320 -10.62 -15.05 26.11
CA GLN B 320 -11.95 -15.28 26.66
C GLN B 320 -11.91 -15.53 28.15
N GLU B 321 -10.92 -16.29 28.64
CA GLU B 321 -10.83 -16.51 30.08
C GLU B 321 -10.57 -15.19 30.81
N ILE B 322 -9.67 -14.37 30.28
CA ILE B 322 -9.40 -13.10 30.94
C ILE B 322 -10.63 -12.21 30.89
N LYS B 323 -11.31 -12.14 29.74
CA LYS B 323 -12.47 -11.27 29.62
C LYS B 323 -13.59 -11.73 30.56
N LYS B 324 -13.78 -13.05 30.68
CA LYS B 324 -14.78 -13.54 31.63
C LYS B 324 -14.44 -13.10 33.05
N ALA B 325 -13.15 -13.11 33.40
CA ALA B 325 -12.77 -12.72 34.75
C ALA B 325 -12.94 -11.21 34.99
N VAL B 326 -12.68 -10.38 33.98
CA VAL B 326 -12.67 -8.94 34.21
C VAL B 326 -14.00 -8.25 33.86
N GLY B 327 -14.83 -8.87 33.02
CA GLY B 327 -16.09 -8.23 32.68
C GLY B 327 -15.91 -6.88 32.01
N GLU B 328 -16.76 -5.93 32.40
CA GLU B 328 -16.75 -4.60 31.82
C GLU B 328 -15.67 -3.70 32.41
N LYS B 329 -14.87 -4.21 33.36
CA LYS B 329 -13.86 -3.35 33.96
C LYS B 329 -12.70 -3.06 33.00
N LEU B 330 -12.59 -3.85 31.92
CA LEU B 330 -11.45 -3.70 31.02
C LEU B 330 -11.83 -4.25 29.65
N LEU B 331 -11.38 -3.58 28.60
CA LEU B 331 -11.58 -4.11 27.25
C LEU B 331 -10.49 -5.13 26.92
N ILE B 332 -10.88 -6.16 26.17
CA ILE B 332 -9.97 -7.24 25.78
C ILE B 332 -10.01 -7.43 24.27
N SER B 333 -8.82 -7.58 23.69
CA SER B 333 -8.72 -8.01 22.31
C SER B 333 -7.94 -9.31 22.22
N ALA B 334 -8.34 -10.10 21.23
CA ALA B 334 -7.70 -11.36 20.91
C ALA B 334 -6.87 -11.22 19.64
N VAL B 335 -5.85 -12.08 19.52
CA VAL B 335 -4.98 -12.07 18.34
C VAL B 335 -4.42 -13.46 18.15
N GLY B 336 -4.11 -13.81 16.90
CA GLY B 336 -3.46 -15.07 16.59
C GLY B 336 -4.27 -15.95 15.67
N GLY B 337 -3.95 -15.97 14.40
CA GLY B 337 -4.72 -16.78 13.48
C GLY B 337 -6.15 -16.35 13.26
N ILE B 338 -6.46 -15.08 13.52
CA ILE B 338 -7.85 -14.60 13.32
C ILE B 338 -7.90 -14.14 11.86
N LYS B 339 -8.10 -15.11 10.97
CA LYS B 339 -7.75 -14.97 9.57
C LYS B 339 -8.94 -15.08 8.63
N THR B 340 -10.15 -15.26 9.15
CA THR B 340 -11.35 -15.19 8.34
C THR B 340 -12.39 -14.32 9.05
N GLY B 341 -13.32 -13.82 8.25
CA GLY B 341 -14.38 -13.00 8.82
C GLY B 341 -15.28 -13.76 9.77
N ALA B 342 -15.59 -15.02 9.44
CA ALA B 342 -16.40 -15.83 10.34
C ALA B 342 -15.74 -15.96 11.70
N LEU B 343 -14.44 -16.25 11.71
CA LEU B 343 -13.76 -16.43 12.99
C LEU B 343 -13.70 -15.11 13.77
N ALA B 344 -13.37 -14.01 13.09
CA ALA B 344 -13.30 -12.72 13.77
C ALA B 344 -14.63 -12.35 14.38
N GLU B 345 -15.72 -12.53 13.61
CA GLU B 345 -17.05 -12.22 14.14
C GLU B 345 -17.42 -13.15 15.28
N GLU B 346 -17.03 -14.43 15.21
CA GLU B 346 -17.33 -15.32 16.33
C GLU B 346 -16.59 -14.91 17.59
N VAL B 347 -15.34 -14.44 17.46
CA VAL B 347 -14.61 -14.02 18.63
C VAL B 347 -15.29 -12.83 19.29
N VAL B 348 -15.69 -11.84 18.49
CA VAL B 348 -16.32 -10.68 19.13
C VAL B 348 -17.74 -11.01 19.62
N GLN B 349 -18.47 -11.88 18.92
CA GLN B 349 -19.80 -12.25 19.40
C GLN B 349 -19.73 -12.99 20.72
N SER B 350 -18.60 -13.65 21.00
CA SER B 350 -18.45 -14.38 22.25
C SER B 350 -18.21 -13.47 23.44
N GLY B 351 -18.02 -12.17 23.21
CA GLY B 351 -17.83 -11.23 24.30
C GLY B 351 -16.49 -10.52 24.28
N ILE B 352 -15.59 -10.89 23.38
CA ILE B 352 -14.33 -10.17 23.23
C ILE B 352 -14.61 -8.84 22.54
N ASP B 353 -13.90 -7.79 22.96
CA ASP B 353 -14.26 -6.44 22.50
C ASP B 353 -13.68 -6.13 21.14
N ALA B 354 -12.50 -6.66 20.81
CA ALA B 354 -11.97 -6.46 19.47
C ALA B 354 -11.03 -7.61 19.13
N VAL B 355 -10.68 -7.69 17.85
CA VAL B 355 -9.69 -8.65 17.38
C VAL B 355 -8.61 -7.93 16.58
N GLN B 356 -7.43 -8.52 16.56
CA GLN B 356 -6.31 -7.98 15.82
C GLN B 356 -5.80 -9.05 14.87
N ALA B 357 -5.29 -8.59 13.74
CA ALA B 357 -4.64 -9.45 12.77
C ALA B 357 -3.32 -8.80 12.35
N GLY B 358 -2.30 -9.63 12.23
CA GLY B 358 -0.98 -9.15 11.86
C GLY B 358 -0.57 -9.65 10.50
N ARG B 359 -0.11 -10.90 10.44
CA ARG B 359 0.35 -11.45 9.16
C ARG B 359 -0.72 -11.33 8.08
N TRP B 360 -1.99 -11.53 8.44
CA TRP B 360 -3.04 -11.62 7.43
C TRP B 360 -3.26 -10.30 6.72
N PHE B 361 -2.92 -9.15 7.36
CA PHE B 361 -2.95 -7.86 6.69
C PHE B 361 -1.77 -7.68 5.73
N GLN B 362 -0.59 -8.14 6.11
CA GLN B 362 0.54 -8.00 5.18
C GLN B 362 0.36 -8.93 3.98
N GLN B 363 -0.25 -10.10 4.20
CA GLN B 363 -0.57 -10.99 3.09
C GLN B 363 -1.65 -10.39 2.20
N ASN B 364 -2.61 -9.69 2.80
CA ASN B 364 -3.76 -9.13 2.09
C ASN B 364 -4.13 -7.79 2.71
N PRO B 365 -3.61 -6.68 2.18
CA PRO B 365 -3.96 -5.35 2.74
C PRO B 365 -5.44 -5.06 2.72
N GLY B 366 -6.20 -5.75 1.86
CA GLY B 366 -7.64 -5.61 1.81
C GLY B 366 -8.39 -6.61 2.67
N LEU B 367 -7.74 -7.04 3.77
CA LEU B 367 -8.35 -8.01 4.67
C LEU B 367 -9.74 -7.58 5.14
N VAL B 368 -9.93 -6.29 5.39
CA VAL B 368 -11.22 -5.82 5.88
C VAL B 368 -12.33 -6.16 4.89
N ARG B 369 -12.10 -5.90 3.60
CA ARG B 369 -13.12 -6.19 2.61
C ARG B 369 -13.33 -7.68 2.44
N ALA B 370 -12.26 -8.48 2.54
CA ALA B 370 -12.43 -9.93 2.49
C ALA B 370 -13.32 -10.42 3.62
N PHE B 371 -13.07 -9.94 4.83
CA PHE B 371 -13.90 -10.31 5.97
C PHE B 371 -15.34 -9.86 5.76
N ALA B 372 -15.52 -8.63 5.27
CA ALA B 372 -16.87 -8.12 5.05
C ALA B 372 -17.62 -8.97 4.02
N ASN B 373 -16.94 -9.32 2.92
CA ASN B 373 -17.54 -10.20 1.91
C ASN B 373 -17.94 -11.54 2.49
N GLU B 374 -17.06 -12.13 3.32
N GLU B 374 -17.06 -12.15 3.31
CA GLU B 374 -17.34 -13.42 3.93
CA GLU B 374 -17.40 -13.43 3.90
C GLU B 374 -18.52 -13.35 4.90
C GLU B 374 -18.63 -13.31 4.80
N LEU B 375 -18.75 -12.20 5.51
CA LEU B 375 -19.85 -12.01 6.44
C LEU B 375 -21.12 -11.50 5.78
N GLY B 376 -21.09 -11.20 4.49
CA GLY B 376 -22.28 -10.71 3.82
C GLY B 376 -22.66 -9.29 4.17
N VAL B 377 -21.68 -8.45 4.51
CA VAL B 377 -21.96 -7.07 4.86
C VAL B 377 -21.10 -6.16 3.98
N LYS B 378 -21.40 -4.88 4.02
CA LYS B 378 -20.73 -3.88 3.18
C LYS B 378 -19.97 -2.92 4.08
N VAL B 379 -18.66 -2.83 3.88
CA VAL B 379 -17.77 -1.98 4.66
C VAL B 379 -17.01 -1.09 3.68
N ARG B 380 -17.11 0.22 3.88
CA ARG B 380 -16.55 1.15 2.90
C ARG B 380 -15.04 1.11 2.87
N MET B 381 -14.47 1.17 1.66
CA MET B 381 -13.06 1.46 1.45
C MET B 381 -12.88 2.92 1.06
N ALA B 382 -11.62 3.32 0.85
CA ALA B 382 -11.34 4.60 0.23
C ALA B 382 -12.16 4.74 -1.05
N THR B 383 -12.62 5.96 -1.30
CA THR B 383 -13.43 6.24 -2.48
C THR B 383 -12.80 5.64 -3.74
N GLN B 384 -11.49 5.84 -3.91
CA GLN B 384 -10.80 5.36 -5.11
C GLN B 384 -10.84 3.84 -5.21
N ILE B 385 -10.67 3.16 -4.07
CA ILE B 385 -10.68 1.70 -4.06
C ILE B 385 -12.09 1.18 -4.33
N ASP B 386 -13.11 1.74 -3.68
CA ASP B 386 -14.46 1.28 -3.97
C ASP B 386 -14.82 1.53 -5.42
N TRP B 387 -14.32 2.64 -6.00
CA TRP B 387 -14.62 2.91 -7.39
C TRP B 387 -14.00 1.86 -8.30
N SER B 388 -12.85 1.31 -7.91
CA SER B 388 -12.20 0.33 -8.79
C SER B 388 -13.00 -0.95 -8.98
N PHE B 389 -14.04 -1.19 -8.19
CA PHE B 389 -14.90 -2.34 -8.38
C PHE B 389 -16.00 -2.11 -9.41
N GLU B 390 -16.15 -0.87 -9.89
CA GLU B 390 -17.14 -0.55 -10.92
C GLU B 390 -16.81 -1.28 -12.22
N1 FMN C . -6.39 4.46 -18.86
C2 FMN C . -5.40 5.29 -19.20
O2 FMN C . -4.83 5.16 -20.28
N3 FMN C . -5.01 6.32 -18.39
C4 FMN C . -5.64 6.56 -17.19
O4 FMN C . -5.24 7.48 -16.48
C4A FMN C . -6.70 5.72 -16.81
N5 FMN C . -7.35 5.94 -15.68
C5A FMN C . -8.35 5.06 -15.34
C6 FMN C . -9.03 5.26 -14.12
C7 FMN C . -10.05 4.41 -13.73
C7M FMN C . -10.77 4.65 -12.43
C8 FMN C . -10.40 3.31 -14.54
C8M FMN C . -11.51 2.36 -14.16
C9 FMN C . -9.74 3.11 -15.74
C9A FMN C . -8.71 3.97 -16.15
N10 FMN C . -8.03 3.80 -17.35
C10 FMN C . -7.01 4.64 -17.72
C1' FMN C . -8.30 2.61 -18.18
C2' FMN C . -7.42 1.45 -17.61
O2' FMN C . -6.02 1.70 -17.71
C3' FMN C . -7.66 0.06 -18.19
O3' FMN C . -7.24 0.10 -19.56
C4' FMN C . -9.13 -0.37 -18.10
O4' FMN C . -9.61 -0.11 -16.78
C5' FMN C . -9.33 -1.81 -18.47
O5' FMN C . -8.35 -2.68 -17.83
P FMN C . -8.72 -3.40 -16.43
O1P FMN C . -9.09 -2.32 -15.44
O2P FMN C . -9.88 -4.33 -16.74
O3P FMN C . -7.46 -4.13 -16.07
CL CL D . -7.87 7.39 -19.79
N NO3 E . -22.51 23.05 -21.07
O1 NO3 E . -21.36 23.08 -20.54
O2 NO3 E . -23.55 23.03 -20.34
O3 NO3 E . -22.62 23.03 -22.34
C1 EDO F . -10.83 11.85 -43.32
O1 EDO F . -9.94 12.48 -42.39
C2 EDO F . -10.50 10.36 -43.55
O2 EDO F . -9.16 10.14 -44.01
C1 EDO G . 3.61 -23.46 -23.43
O1 EDO G . 4.88 -23.49 -22.79
C2 EDO G . 3.48 -24.61 -24.41
O2 EDO G . 2.19 -24.52 -25.03
C1 EDO H . -6.45 -15.50 -24.95
O1 EDO H . -7.85 -15.74 -24.74
C2 EDO H . -5.91 -16.47 -25.99
O2 EDO H . -6.56 -16.25 -27.24
C1 EDO I . -12.33 17.18 -43.11
O1 EDO I . -11.37 16.74 -42.13
C2 EDO I . -13.18 15.99 -43.55
O2 EDO I . -12.34 15.00 -44.15
C1 EDO J . -13.82 12.03 -16.37
O1 EDO J . -14.99 11.96 -17.21
C2 EDO J . -13.90 10.96 -15.28
O2 EDO J . -13.53 9.69 -15.82
N1 FMN K . 3.93 -8.52 17.97
C2 FMN K . 4.16 -7.38 18.66
O2 FMN K . 3.64 -7.19 19.75
N3 FMN K . 5.01 -6.42 18.20
C4 FMN K . 5.70 -6.57 17.01
O4 FMN K . 6.43 -5.67 16.64
C4A FMN K . 5.50 -7.75 16.27
N5 FMN K . 6.15 -7.93 15.13
C5A FMN K . 5.90 -9.09 14.43
C6 FMN K . 6.56 -9.30 13.21
C7 FMN K . 6.33 -10.43 12.46
C7M FMN K . 7.06 -10.63 11.16
C8 FMN K . 5.41 -11.40 12.91
C8M FMN K . 5.15 -12.64 12.11
C9 FMN K . 4.74 -11.19 14.10
C9A FMN K . 4.96 -10.04 14.88
N10 FMN K . 4.33 -9.83 16.10
C10 FMN K . 4.55 -8.69 16.82
C1' FMN K . 3.28 -10.75 16.56
C2' FMN K . 1.94 -10.31 15.89
O2' FMN K . 1.50 -9.00 16.29
C3' FMN K . 0.75 -11.25 16.11
O3' FMN K . 0.42 -11.22 17.50
C4' FMN K . 1.03 -12.68 15.66
O4' FMN K . 1.65 -12.64 14.36
C5' FMN K . -0.21 -13.54 15.62
O5' FMN K . -1.29 -12.87 14.91
P FMN K . -1.53 -13.15 13.34
O1P FMN K . -0.26 -12.77 12.58
O2P FMN K . -2.69 -12.27 13.00
O3P FMN K . -1.83 -14.62 13.22
CL CL L . 7.03 -8.82 19.29
C TRS M . 16.36 11.71 8.25
C1 TRS M . 17.02 10.41 7.78
C2 TRS M . 15.09 11.38 9.04
C3 TRS M . 17.33 12.56 9.05
N TRS M . 15.96 12.48 7.07
O1 TRS M . 18.00 10.72 6.82
O2 TRS M . 14.39 12.57 9.32
O3 TRS M . 17.85 11.87 10.16
C1 EDO N . 14.18 -5.46 4.39
O1 EDO N . 14.68 -4.13 4.22
C2 EDO N . 14.66 -6.31 3.24
O2 EDO N . 16.10 -6.27 3.20
C1 EDO O . 0.95 -3.86 44.71
O1 EDO O . 2.37 -3.70 44.79
C2 EDO O . 0.58 -4.29 43.29
O2 EDO O . -0.82 -4.58 43.27
C1 EDO P . 13.69 -11.46 14.94
O1 EDO P . 12.36 -11.92 15.24
C2 EDO P . 14.43 -11.21 16.26
O2 EDO P . 14.81 -12.47 16.84
C1 EDO Q . 13.74 -14.10 42.71
O1 EDO Q . 13.77 -13.46 43.99
C2 EDO Q . 13.71 -15.61 42.94
O2 EDO Q . 12.41 -15.94 43.45
#